data_8SYH
#
_entry.id   8SYH
#
_cell.length_a   56.788
_cell.length_b   128.158
_cell.length_c   58.475
_cell.angle_alpha   90.00
_cell.angle_beta   112.54
_cell.angle_gamma   90.00
#
_symmetry.space_group_name_H-M   'P 1 21 1'
#
loop_
_entity.id
_entity.type
_entity.pdbx_description
1 polymer 'UDP-2,3-diacetamido-2,3-dideoxy-glucuronic acid-2-epimerase'
2 non-polymer '(2~{S},3~{S},4~{R},5~{R},6~{R})-4,5-diacetamido-6-[[[(2~{R},3~{S},4~{R},5~{R})-5-[2,4-bis(oxidanylidene)pyrimidin-1-yl]-3,4-bis(oxidanyl)oxolan-2-yl]methoxy-oxidanyl-phosphoryl]oxy-oxidanyl-phosphoryl]oxy-3-oxidanyl-oxane-2-carboxylic acid'
3 non-polymer "URIDINE-5'-DIPHOSPHATE"
4 non-polymer 'CHLORIDE ION'
5 water water
#
_entity_poly.entity_id   1
_entity_poly.type   'polypeptide(L)'
_entity_poly.pdbx_seq_one_letter_code
;MWVKILSVVGARPQFIKAAAVSRVLRASPGVREVLVHTGQHYDDNMSQVFFEELEIPDPDYHLGIGGGTHGQNTGRMLEA
IEGVLLKEKPDWVLVYGNTDSTLAGALAAVKLHIPVAHVEAGLRSFNRRMPEEINRILTDHASDLLFAPTETAVQNLLRE
GIPENRIHLVGDVMYDAALHYGAKAERKSRILERLGLQAKGYVLATIHRAENTDDQERLRVILEALAEVHQEVPVVFPVH
PRTRKRAEAFGLGSYLEKVVALEPVGYLDMVMLEKNARLIVTDSGGVQKEAYFYRVPCVTVREETEWVELLKAEWNYLAA
PQNAKDLALTILHRMRTKGVEIDLYGDGRASQKISDFLRKVGIRTLEHHHHHH
;
_entity_poly.pdbx_strand_id   A,B
#
loop_
_chem_comp.id
_chem_comp.type
_chem_comp.name
_chem_comp.formula
CL non-polymer 'CHLORIDE ION' 'Cl -1'
MJL non-polymer '(2~{S},3~{S},4~{R},5~{R},6~{R})-4,5-diacetamido-6-[[[(2~{R},3~{S},4~{R},5~{R})-5-[2,4-bis(oxidanylidene)pyrimidin-1-yl]-3,4-bis(oxidanyl)oxolan-2-yl]methoxy-oxidanyl-phosphoryl]oxy-oxidanyl-phosphoryl]oxy-3-oxidanyl-oxane-2-carboxylic acid' 'C19 H28 N4 O18 P2'
UDP RNA linking URIDINE-5'-DIPHOSPHATE 'C9 H14 N2 O12 P2'
#
# COMPACT_ATOMS: atom_id res chain seq x y z
N TRP A 2 10.99 27.77 8.37
CA TRP A 2 11.18 26.58 9.25
C TRP A 2 10.27 25.45 8.76
N VAL A 3 10.85 24.40 8.16
CA VAL A 3 10.13 23.23 7.63
C VAL A 3 10.79 21.97 8.18
N LYS A 4 9.99 21.03 8.65
CA LYS A 4 10.58 19.81 9.17
C LYS A 4 10.43 18.64 8.20
N ILE A 5 11.58 18.08 7.75
CA ILE A 5 11.63 16.99 6.77
C ILE A 5 12.09 15.73 7.50
N LEU A 6 11.21 14.74 7.63
CA LEU A 6 11.58 13.53 8.35
C LEU A 6 11.84 12.40 7.35
N SER A 7 13.10 11.87 7.40
CA SER A 7 13.57 10.81 6.51
C SER A 7 13.47 9.45 7.22
N VAL A 8 12.89 8.46 6.55
CA VAL A 8 12.78 7.09 7.04
C VAL A 8 13.74 6.20 6.22
N VAL A 9 14.73 5.60 6.89
CA VAL A 9 15.67 4.72 6.22
C VAL A 9 15.69 3.41 6.99
N GLY A 10 16.02 2.33 6.28
CA GLY A 10 16.09 1.00 6.87
C GLY A 10 17.26 0.16 6.34
N ALA A 11 17.70 0.41 5.11
CA ALA A 11 18.60 -0.50 4.44
C ALA A 11 19.81 0.27 3.97
N ARG A 12 20.88 -0.49 3.79
CA ARG A 12 22.13 -0.02 3.23
C ARG A 12 21.89 0.99 2.10
N PRO A 13 21.20 0.61 1.01
CA PRO A 13 21.07 1.51 -0.13
C PRO A 13 20.30 2.79 0.16
N GLN A 14 19.46 2.75 1.20
CA GLN A 14 18.74 3.93 1.66
C GLN A 14 19.70 4.80 2.48
N PHE A 15 20.61 4.21 3.26
CA PHE A 15 21.53 5.03 4.03
C PHE A 15 22.34 5.90 3.07
N ILE A 16 22.77 5.29 1.97
CA ILE A 16 23.55 5.99 0.97
C ILE A 16 22.73 7.08 0.27
N LYS A 17 21.48 6.80 -0.14
CA LYS A 17 20.63 7.82 -0.75
C LYS A 17 20.44 8.99 0.24
N ALA A 18 20.08 8.66 1.48
CA ALA A 18 19.80 9.65 2.49
C ALA A 18 21.05 10.49 2.77
N ALA A 19 22.25 9.91 2.60
CA ALA A 19 23.47 10.66 2.88
C ALA A 19 23.60 11.82 1.89
N ALA A 20 23.18 11.62 0.64
CA ALA A 20 23.25 12.71 -0.32
C ALA A 20 22.20 13.76 0.01
N VAL A 21 20.96 13.31 0.28
CA VAL A 21 19.87 14.24 0.52
C VAL A 21 20.06 14.97 1.87
N SER A 22 20.49 14.26 2.92
CA SER A 22 20.72 14.85 4.24
C SER A 22 21.72 16.02 4.19
N ARG A 23 22.83 15.85 3.47
CA ARG A 23 23.85 16.87 3.36
C ARG A 23 23.23 18.17 2.86
N VAL A 24 22.31 18.07 1.89
CA VAL A 24 21.74 19.26 1.29
C VAL A 24 20.73 19.89 2.25
N LEU A 25 19.94 19.05 2.90
CA LEU A 25 18.91 19.54 3.77
C LEU A 25 19.52 20.12 5.03
N ARG A 26 20.64 19.54 5.48
CA ARG A 26 21.42 20.05 6.60
CA ARG A 26 21.36 20.06 6.63
C ARG A 26 21.65 21.54 6.40
N ALA A 27 22.35 21.85 5.29
CA ALA A 27 22.83 23.18 4.99
C ALA A 27 21.76 24.05 4.31
N SER A 28 20.51 23.60 4.34
CA SER A 28 19.42 24.43 3.84
C SER A 28 18.92 25.32 4.98
N PRO A 29 18.71 26.64 4.73
CA PRO A 29 18.18 27.54 5.76
C PRO A 29 16.73 27.19 6.05
N GLY A 30 16.40 27.09 7.34
CA GLY A 30 15.02 26.91 7.78
C GLY A 30 14.47 25.53 7.47
N VAL A 31 15.37 24.54 7.35
CA VAL A 31 14.99 23.13 7.31
C VAL A 31 15.54 22.47 8.57
N ARG A 32 14.69 21.76 9.32
CA ARG A 32 15.23 20.75 10.23
C ARG A 32 14.91 19.33 9.74
N GLU A 33 15.95 18.50 9.71
CA GLU A 33 15.80 17.12 9.29
C GLU A 33 15.68 16.23 10.53
N VAL A 34 14.70 15.36 10.54
CA VAL A 34 14.66 14.30 11.54
C VAL A 34 14.84 12.99 10.81
N LEU A 35 15.72 12.14 11.37
CA LEU A 35 16.10 10.90 10.69
C LEU A 35 15.74 9.72 11.55
N VAL A 36 14.95 8.81 10.96
CA VAL A 36 14.51 7.62 11.65
C VAL A 36 15.14 6.40 10.99
N HIS A 37 15.78 5.58 11.82
CA HIS A 37 16.35 4.32 11.39
C HIS A 37 15.40 3.22 11.82
N THR A 38 14.85 2.47 10.87
CA THR A 38 13.85 1.46 11.20
C THR A 38 14.48 0.24 11.86
N GLY A 39 15.79 0.04 11.67
CA GLY A 39 16.48 -1.12 12.21
C GLY A 39 16.47 -2.30 11.24
N GLN A 40 15.98 -2.09 10.01
CA GLN A 40 15.85 -3.16 9.03
C GLN A 40 17.21 -3.83 8.84
N HIS A 41 18.25 -3.05 8.55
CA HIS A 41 19.64 -3.50 8.54
C HIS A 41 20.33 -3.06 9.83
N TYR A 42 20.95 -4.02 10.51
CA TYR A 42 21.34 -3.87 11.91
C TYR A 42 22.85 -4.08 12.04
N ASP A 43 23.41 -5.09 11.35
CA ASP A 43 24.85 -5.37 11.41
C ASP A 43 25.66 -4.14 11.05
N ASP A 44 26.83 -3.99 11.71
CA ASP A 44 27.68 -2.82 11.55
C ASP A 44 28.09 -2.69 10.09
N ASN A 45 28.32 -3.81 9.38
CA ASN A 45 28.83 -3.75 8.01
C ASN A 45 27.69 -3.54 6.99
N MET A 46 26.45 -3.51 7.48
CA MET A 46 25.27 -3.21 6.70
C MET A 46 24.65 -1.85 7.07
N SER A 47 25.09 -1.23 8.18
CA SER A 47 24.46 0.00 8.67
C SER A 47 25.48 1.00 9.19
N GLN A 48 26.09 0.70 10.34
CA GLN A 48 26.87 1.70 11.08
C GLN A 48 28.07 2.16 10.24
N VAL A 49 28.63 1.28 9.41
CA VAL A 49 29.79 1.71 8.63
C VAL A 49 29.36 2.84 7.70
N PHE A 50 28.07 2.87 7.30
CA PHE A 50 27.61 3.89 6.37
C PHE A 50 27.37 5.21 7.09
N PHE A 51 26.89 5.16 8.34
CA PHE A 51 26.75 6.37 9.13
C PHE A 51 28.12 7.04 9.32
N GLU A 52 29.16 6.27 9.66
CA GLU A 52 30.53 6.79 9.84
C GLU A 52 31.11 7.35 8.54
N GLU A 53 31.35 6.49 7.56
CA GLU A 53 32.15 6.87 6.41
C GLU A 53 31.45 7.96 5.59
N LEU A 54 30.12 7.99 5.63
CA LEU A 54 29.40 8.97 4.86
C LEU A 54 28.96 10.15 5.74
N GLU A 55 29.36 10.15 7.02
CA GLU A 55 29.25 11.34 7.87
C GLU A 55 27.78 11.71 7.95
N ILE A 56 26.98 10.71 8.34
CA ILE A 56 25.55 10.85 8.38
C ILE A 56 25.18 11.11 9.84
N PRO A 57 24.41 12.16 10.14
CA PRO A 57 24.08 12.43 11.54
C PRO A 57 23.43 11.21 12.18
N ASP A 58 23.67 11.03 13.48
CA ASP A 58 23.01 9.96 14.20
C ASP A 58 21.50 10.08 14.02
N PRO A 59 20.80 8.96 13.83
CA PRO A 59 19.34 8.99 13.87
C PRO A 59 18.80 9.55 15.19
N ASP A 60 17.76 10.37 15.05
CA ASP A 60 16.93 10.82 16.14
C ASP A 60 16.15 9.65 16.73
N TYR A 61 15.90 8.59 15.93
CA TYR A 61 15.19 7.42 16.40
C TYR A 61 15.81 6.19 15.74
N HIS A 62 15.88 5.08 16.49
CA HIS A 62 16.19 3.77 15.94
C HIS A 62 15.08 2.85 16.45
N LEU A 63 14.34 2.21 15.54
CA LEU A 63 13.16 1.47 15.97
C LEU A 63 13.55 0.01 16.19
N GLY A 64 14.75 -0.37 15.75
CA GLY A 64 15.29 -1.69 16.02
C GLY A 64 14.38 -2.82 15.56
N ILE A 65 13.74 -2.68 14.39
CA ILE A 65 12.86 -3.70 13.87
C ILE A 65 13.54 -4.28 12.63
N GLY A 66 13.59 -5.61 12.58
CA GLY A 66 14.47 -6.30 11.66
C GLY A 66 14.37 -7.82 11.79
N GLY A 67 14.74 -8.53 10.70
CA GLY A 67 14.94 -9.98 10.65
C GLY A 67 13.67 -10.82 10.79
N GLY A 68 12.50 -10.22 10.61
CA GLY A 68 11.24 -10.95 10.67
C GLY A 68 10.69 -11.20 9.27
N THR A 69 9.44 -11.65 9.23
CA THR A 69 8.70 -11.78 7.99
C THR A 69 8.32 -10.40 7.46
N HIS A 70 7.75 -10.36 6.24
CA HIS A 70 7.23 -9.14 5.65
C HIS A 70 6.13 -8.55 6.54
N GLY A 71 5.16 -9.38 6.93
CA GLY A 71 4.10 -8.97 7.83
C GLY A 71 4.61 -8.40 9.16
N GLN A 72 5.62 -9.07 9.76
CA GLN A 72 6.12 -8.70 11.06
C GLN A 72 6.88 -7.37 10.97
N ASN A 73 7.83 -7.32 10.04
CA ASN A 73 8.67 -6.15 9.90
C ASN A 73 7.81 -4.94 9.55
N THR A 74 6.99 -5.10 8.50
CA THR A 74 6.17 -4.04 7.99
C THR A 74 5.19 -3.62 9.07
N GLY A 75 4.53 -4.59 9.72
CA GLY A 75 3.49 -4.28 10.68
C GLY A 75 4.01 -3.51 11.90
N ARG A 76 5.22 -3.87 12.32
CA ARG A 76 5.81 -3.25 13.48
C ARG A 76 6.42 -1.91 13.09
N MET A 77 6.98 -1.82 11.89
CA MET A 77 7.46 -0.53 11.42
C MET A 77 6.30 0.47 11.31
N LEU A 78 5.14 -0.02 10.89
CA LEU A 78 4.02 0.85 10.67
C LEU A 78 3.61 1.48 12.00
N GLU A 79 3.51 0.67 13.06
CA GLU A 79 3.12 1.15 14.37
C GLU A 79 4.20 2.06 14.94
N ALA A 80 5.46 1.64 14.86
CA ALA A 80 6.55 2.36 15.49
C ALA A 80 6.80 3.70 14.81
N ILE A 81 6.90 3.69 13.48
CA ILE A 81 7.06 4.94 12.73
C ILE A 81 5.91 5.90 13.05
N GLU A 82 4.68 5.40 13.05
CA GLU A 82 3.52 6.24 13.35
C GLU A 82 3.70 6.92 14.70
N GLY A 83 4.09 6.18 15.74
CA GLY A 83 4.34 6.75 17.05
C GLY A 83 5.28 7.94 16.98
N VAL A 84 6.34 7.84 16.16
CA VAL A 84 7.32 8.90 16.01
C VAL A 84 6.74 10.10 15.25
N LEU A 85 5.99 9.80 14.19
CA LEU A 85 5.37 10.85 13.39
C LEU A 85 4.41 11.67 14.28
N LEU A 86 3.67 10.97 15.16
CA LEU A 86 2.74 11.65 16.05
C LEU A 86 3.50 12.61 16.97
N LYS A 87 4.68 12.20 17.44
CA LYS A 87 5.49 13.03 18.31
C LYS A 87 6.13 14.19 17.56
N GLU A 88 6.67 13.95 16.36
CA GLU A 88 7.54 14.92 15.70
C GLU A 88 6.76 15.87 14.79
N LYS A 89 5.60 15.41 14.30
CA LYS A 89 4.76 16.22 13.43
C LYS A 89 5.59 16.89 12.35
N PRO A 90 6.25 16.15 11.42
CA PRO A 90 6.98 16.77 10.32
C PRO A 90 6.05 17.31 9.25
N ASP A 91 6.57 18.26 8.47
CA ASP A 91 5.85 18.82 7.35
C ASP A 91 5.90 17.84 6.16
N TRP A 92 7.06 17.19 5.99
CA TRP A 92 7.27 16.18 4.97
C TRP A 92 7.80 14.89 5.59
N VAL A 93 7.36 13.76 5.01
CA VAL A 93 8.06 12.49 5.19
C VAL A 93 8.71 12.09 3.87
N LEU A 94 10.03 11.80 3.92
CA LEU A 94 10.77 11.29 2.77
C LEU A 94 11.05 9.80 3.02
N VAL A 95 10.71 8.98 2.00
CA VAL A 95 11.03 7.56 1.99
C VAL A 95 11.87 7.25 0.75
N TYR A 96 12.67 6.18 0.85
CA TYR A 96 13.70 5.93 -0.15
C TYR A 96 13.60 4.50 -0.66
N GLY A 97 13.75 4.35 -1.97
CA GLY A 97 13.89 3.05 -2.59
C GLY A 97 12.63 2.23 -2.48
N ASN A 98 12.74 0.93 -2.15
CA ASN A 98 11.57 0.06 -2.26
C ASN A 98 11.64 -1.13 -1.30
N THR A 99 11.94 -0.88 -0.03
CA THR A 99 11.86 -1.96 0.94
C THR A 99 10.58 -1.85 1.75
N ASP A 100 10.35 -2.83 2.63
CA ASP A 100 9.29 -2.73 3.61
C ASP A 100 9.38 -1.44 4.43
N SER A 101 10.61 -0.95 4.68
CA SER A 101 10.79 0.27 5.44
C SER A 101 10.17 1.45 4.68
N THR A 102 10.45 1.50 3.38
CA THR A 102 9.91 2.50 2.50
C THR A 102 8.38 2.50 2.54
N LEU A 103 7.79 1.32 2.42
CA LEU A 103 6.35 1.26 2.39
C LEU A 103 5.76 1.59 3.76
N ALA A 104 6.34 1.06 4.83
CA ALA A 104 5.80 1.37 6.15
C ALA A 104 5.83 2.90 6.38
N GLY A 105 6.95 3.52 6.05
CA GLY A 105 7.10 4.97 6.19
C GLY A 105 6.00 5.70 5.47
N ALA A 106 5.78 5.38 4.18
CA ALA A 106 4.77 6.08 3.42
C ALA A 106 3.41 5.90 4.08
N LEU A 107 3.11 4.67 4.44
CA LEU A 107 1.77 4.33 4.90
C LEU A 107 1.52 4.91 6.29
N ALA A 108 2.56 4.96 7.11
CA ALA A 108 2.35 5.55 8.44
C ALA A 108 1.96 7.01 8.27
N ALA A 109 2.67 7.72 7.37
CA ALA A 109 2.52 9.15 7.15
C ALA A 109 1.20 9.50 6.48
N VAL A 110 0.85 8.78 5.40
CA VAL A 110 -0.30 9.25 4.63
C VAL A 110 -1.55 9.16 5.48
N LYS A 111 -1.67 8.16 6.37
CA LYS A 111 -2.86 8.11 7.23
C LYS A 111 -2.91 9.28 8.22
N LEU A 112 -1.80 9.99 8.48
CA LEU A 112 -1.75 11.11 9.42
C LEU A 112 -1.87 12.44 8.67
N HIS A 113 -2.14 12.39 7.35
CA HIS A 113 -2.28 13.56 6.51
C HIS A 113 -0.91 14.27 6.38
N ILE A 114 0.18 13.53 6.49
CA ILE A 114 1.51 14.13 6.36
C ILE A 114 1.99 13.87 4.94
N PRO A 115 2.27 14.92 4.15
CA PRO A 115 2.81 14.76 2.80
C PRO A 115 4.00 13.80 2.70
N VAL A 116 3.98 12.91 1.71
CA VAL A 116 5.07 11.96 1.54
C VAL A 116 5.75 12.24 0.20
N ALA A 117 7.10 12.26 0.21
CA ALA A 117 7.88 12.30 -1.01
C ALA A 117 8.71 11.03 -1.14
N HIS A 118 8.67 10.47 -2.36
CA HIS A 118 9.40 9.27 -2.71
C HIS A 118 10.66 9.62 -3.50
N VAL A 119 11.81 9.39 -2.85
CA VAL A 119 13.12 9.48 -3.48
C VAL A 119 13.45 8.15 -4.17
N GLU A 120 13.66 8.24 -5.50
CA GLU A 120 13.75 7.15 -6.46
C GLU A 120 12.36 6.56 -6.74
N ALA A 121 11.55 7.30 -7.51
CA ALA A 121 10.16 6.96 -7.78
C ALA A 121 9.99 6.45 -9.20
N GLY A 122 9.05 5.53 -9.41
CA GLY A 122 8.60 5.18 -10.76
C GLY A 122 9.35 4.04 -11.47
N LEU A 123 10.36 3.43 -10.85
CA LEU A 123 11.02 2.27 -11.42
C LEU A 123 10.05 1.07 -11.43
N ARG A 124 10.12 0.26 -12.49
CA ARG A 124 9.28 -0.91 -12.66
C ARG A 124 10.07 -2.05 -13.26
N SER A 125 9.98 -3.22 -12.63
CA SER A 125 10.45 -4.46 -13.23
C SER A 125 9.38 -5.13 -14.11
N PHE A 126 8.13 -4.71 -13.94
CA PHE A 126 6.96 -5.33 -14.54
C PHE A 126 6.84 -6.80 -14.16
N ASN A 127 7.39 -7.17 -13.00
CA ASN A 127 7.12 -8.48 -12.47
C ASN A 127 6.46 -8.33 -11.10
N ARG A 128 5.11 -8.28 -11.11
CA ARG A 128 4.36 -7.95 -9.91
C ARG A 128 4.40 -9.04 -8.85
N ARG A 129 5.01 -10.19 -9.13
CA ARG A 129 5.21 -11.23 -8.13
C ARG A 129 6.33 -10.87 -7.14
N MET A 130 7.24 -9.97 -7.54
CA MET A 130 8.42 -9.54 -6.79
CA MET A 130 8.39 -9.68 -6.70
C MET A 130 8.01 -8.66 -5.61
N PRO A 131 8.39 -8.91 -4.33
CA PRO A 131 8.05 -7.98 -3.25
C PRO A 131 8.54 -6.56 -3.48
N GLU A 132 9.69 -6.40 -4.14
CA GLU A 132 10.19 -5.06 -4.39
C GLU A 132 9.33 -4.29 -5.41
N GLU A 133 8.68 -4.96 -6.36
CA GLU A 133 7.81 -4.25 -7.29
C GLU A 133 6.52 -3.78 -6.61
N ILE A 134 5.93 -4.62 -5.78
CA ILE A 134 4.78 -4.20 -4.99
C ILE A 134 5.14 -2.97 -4.15
N ASN A 135 6.31 -3.00 -3.51
CA ASN A 135 6.68 -1.87 -2.66
C ASN A 135 6.87 -0.60 -3.49
N ARG A 136 7.36 -0.75 -4.71
CA ARG A 136 7.53 0.40 -5.58
C ARG A 136 6.18 0.98 -5.98
N ILE A 137 5.26 0.12 -6.41
CA ILE A 137 3.94 0.55 -6.85
C ILE A 137 3.20 1.18 -5.67
N LEU A 138 3.06 0.47 -4.53
CA LEU A 138 2.27 0.97 -3.43
C LEU A 138 2.89 2.24 -2.85
N THR A 139 4.20 2.38 -2.84
CA THR A 139 4.83 3.59 -2.36
C THR A 139 4.52 4.74 -3.31
N ASP A 140 4.74 4.55 -4.60
CA ASP A 140 4.44 5.62 -5.56
C ASP A 140 2.97 6.04 -5.44
N HIS A 141 2.05 5.09 -5.26
CA HIS A 141 0.64 5.43 -5.26
C HIS A 141 0.23 6.07 -3.93
N ALA A 142 1.03 5.91 -2.88
CA ALA A 142 0.75 6.53 -1.60
C ALA A 142 1.39 7.91 -1.51
N SER A 143 2.44 8.16 -2.30
CA SER A 143 3.19 9.40 -2.21
C SER A 143 2.45 10.61 -2.80
N ASP A 144 2.82 11.81 -2.31
CA ASP A 144 2.33 13.09 -2.84
C ASP A 144 3.32 13.64 -3.87
N LEU A 145 4.64 13.53 -3.61
CA LEU A 145 5.66 13.89 -4.57
C LEU A 145 6.47 12.66 -4.97
N LEU A 146 6.85 12.65 -6.25
CA LEU A 146 7.53 11.51 -6.86
C LEU A 146 8.81 11.98 -7.53
N PHE A 147 9.96 11.71 -6.88
CA PHE A 147 11.25 12.11 -7.41
C PHE A 147 11.83 11.00 -8.29
N ALA A 148 11.58 11.17 -9.58
CA ALA A 148 11.96 10.21 -10.60
C ALA A 148 13.43 10.37 -10.94
N PRO A 149 14.25 9.29 -11.07
CA PRO A 149 15.64 9.41 -11.56
C PRO A 149 15.81 9.35 -13.08
N THR A 150 14.78 8.85 -13.79
CA THR A 150 14.88 8.62 -15.23
C THR A 150 13.57 8.97 -15.92
N GLU A 151 13.66 9.19 -17.24
CA GLU A 151 12.49 9.47 -18.04
C GLU A 151 11.56 8.27 -18.05
N THR A 152 12.14 7.08 -18.08
CA THR A 152 11.37 5.86 -18.04
C THR A 152 10.50 5.89 -16.78
N ALA A 153 11.11 6.26 -15.66
CA ALA A 153 10.41 6.24 -14.39
C ALA A 153 9.23 7.21 -14.43
N VAL A 154 9.46 8.37 -15.08
CA VAL A 154 8.42 9.37 -15.24
C VAL A 154 7.27 8.79 -16.05
N GLN A 155 7.60 8.10 -17.15
CA GLN A 155 6.59 7.55 -18.04
C GLN A 155 5.83 6.42 -17.34
N ASN A 156 6.55 5.67 -16.49
CA ASN A 156 5.93 4.59 -15.74
C ASN A 156 4.85 5.16 -14.83
N LEU A 157 5.14 6.33 -14.25
CA LEU A 157 4.25 6.95 -13.28
C LEU A 157 3.03 7.53 -13.98
N LEU A 158 3.25 8.24 -15.10
CA LEU A 158 2.14 8.77 -15.88
C LEU A 158 1.22 7.64 -16.34
N ARG A 159 1.79 6.51 -16.77
CA ARG A 159 0.98 5.43 -17.29
C ARG A 159 0.03 4.89 -16.21
N GLU A 160 0.42 4.99 -14.94
CA GLU A 160 -0.43 4.53 -13.85
C GLU A 160 -1.22 5.70 -13.25
N GLY A 161 -1.46 6.76 -14.03
CA GLY A 161 -2.48 7.74 -13.71
C GLY A 161 -2.00 8.83 -12.77
N ILE A 162 -0.71 8.83 -12.43
CA ILE A 162 -0.20 9.82 -11.50
C ILE A 162 0.08 11.11 -12.29
N PRO A 163 -0.45 12.27 -11.85
CA PRO A 163 -0.40 13.49 -12.66
C PRO A 163 0.99 14.10 -12.74
N GLU A 164 1.32 14.60 -13.95
CA GLU A 164 2.51 15.38 -14.27
C GLU A 164 2.98 16.22 -13.09
N ASN A 165 2.02 16.91 -12.48
CA ASN A 165 2.36 17.99 -11.57
C ASN A 165 2.88 17.42 -10.25
N ARG A 166 2.87 16.10 -10.03
CA ARG A 166 3.44 15.54 -8.80
C ARG A 166 4.73 14.75 -9.09
N ILE A 167 5.15 14.72 -10.35
CA ILE A 167 6.37 14.06 -10.81
C ILE A 167 7.42 15.11 -11.14
N HIS A 168 8.60 14.98 -10.50
CA HIS A 168 9.78 15.76 -10.86
C HIS A 168 10.94 14.84 -11.21
N LEU A 169 11.38 14.95 -12.46
CA LEU A 169 12.55 14.25 -12.92
C LEU A 169 13.77 14.98 -12.37
N VAL A 170 14.50 14.35 -11.46
CA VAL A 170 15.55 15.04 -10.73
C VAL A 170 16.89 14.34 -10.90
N GLY A 171 16.92 13.21 -11.62
CA GLY A 171 18.13 12.42 -11.64
C GLY A 171 18.28 11.58 -10.37
N ASP A 172 19.46 10.98 -10.20
CA ASP A 172 19.67 9.98 -9.18
C ASP A 172 20.60 10.49 -8.10
N VAL A 173 20.13 10.45 -6.85
CA VAL A 173 20.92 10.92 -5.70
C VAL A 173 22.11 10.00 -5.45
N MET A 174 22.12 8.79 -6.02
CA MET A 174 23.23 7.89 -5.78
C MET A 174 24.40 8.30 -6.65
N TYR A 175 24.10 8.97 -7.76
CA TYR A 175 25.16 9.60 -8.54
C TYR A 175 25.74 10.78 -7.75
N ASP A 176 24.87 11.54 -7.07
CA ASP A 176 25.33 12.63 -6.22
C ASP A 176 26.35 12.09 -5.21
N ALA A 177 26.03 10.95 -4.58
CA ALA A 177 26.83 10.41 -3.50
C ALA A 177 28.16 9.92 -4.05
N ALA A 178 28.11 9.31 -5.23
CA ALA A 178 29.32 8.85 -5.88
C ALA A 178 30.28 10.02 -6.09
N LEU A 179 29.78 11.10 -6.72
CA LEU A 179 30.55 12.34 -6.91
C LEU A 179 31.10 12.86 -5.58
N HIS A 180 30.25 13.11 -4.58
CA HIS A 180 30.69 13.74 -3.35
C HIS A 180 31.68 12.87 -2.57
N TYR A 181 31.58 11.52 -2.65
CA TYR A 181 32.38 10.71 -1.74
C TYR A 181 33.60 10.10 -2.41
N GLY A 182 33.78 10.36 -3.73
CA GLY A 182 34.86 9.78 -4.52
C GLY A 182 36.27 10.07 -3.96
N ALA A 183 36.47 11.31 -3.55
CA ALA A 183 37.78 11.77 -3.09
C ALA A 183 38.13 11.03 -1.80
N LYS A 184 37.17 11.04 -0.87
CA LYS A 184 37.36 10.42 0.42
C LYS A 184 37.60 8.92 0.27
N ALA A 185 36.86 8.26 -0.62
CA ALA A 185 37.14 6.87 -0.96
C ALA A 185 38.60 6.74 -1.35
N GLU A 186 39.02 7.63 -2.23
CA GLU A 186 40.38 7.65 -2.75
C GLU A 186 41.44 7.72 -1.64
N ARG A 187 41.23 8.52 -0.59
CA ARG A 187 42.28 8.69 0.40
C ARG A 187 42.14 7.73 1.56
N LYS A 188 40.95 7.16 1.81
CA LYS A 188 40.81 6.33 2.98
C LYS A 188 40.87 4.83 2.67
N SER A 189 40.52 4.39 1.44
CA SER A 189 40.34 2.96 1.21
C SER A 189 41.66 2.32 0.77
N ARG A 190 42.11 1.31 1.53
CA ARG A 190 43.26 0.49 1.15
C ARG A 190 42.83 -0.95 0.80
N ILE A 191 41.69 -1.15 0.13
CA ILE A 191 41.17 -2.49 0.00
C ILE A 191 41.92 -3.25 -1.09
N LEU A 192 42.30 -2.59 -2.19
CA LEU A 192 43.18 -3.18 -3.19
C LEU A 192 44.45 -3.68 -2.54
N GLU A 193 44.92 -2.92 -1.56
CA GLU A 193 46.16 -3.20 -0.85
C GLU A 193 45.98 -4.49 -0.07
N ARG A 194 45.04 -4.43 0.90
CA ARG A 194 44.79 -5.52 1.84
C ARG A 194 44.41 -6.77 1.06
N LEU A 195 43.88 -6.61 -0.17
CA LEU A 195 43.50 -7.75 -1.00
C LEU A 195 44.58 -8.09 -2.04
N GLY A 196 45.68 -7.35 -2.07
CA GLY A 196 46.71 -7.68 -3.04
C GLY A 196 46.17 -7.74 -4.46
N LEU A 197 45.38 -6.72 -4.82
CA LEU A 197 44.71 -6.67 -6.10
C LEU A 197 45.34 -5.58 -6.95
N GLN A 198 45.30 -5.79 -8.26
CA GLN A 198 45.84 -4.81 -9.16
C GLN A 198 44.66 -4.06 -9.76
N ALA A 199 44.75 -2.73 -9.80
CA ALA A 199 43.81 -1.93 -10.56
C ALA A 199 43.55 -2.63 -11.87
N LYS A 200 42.27 -2.76 -12.20
CA LYS A 200 41.82 -3.53 -13.36
C LYS A 200 42.41 -4.93 -13.36
N GLY A 201 42.73 -5.51 -12.19
CA GLY A 201 43.20 -6.89 -12.14
C GLY A 201 42.20 -7.87 -11.54
N TYR A 202 40.89 -7.61 -11.73
CA TYR A 202 39.82 -8.41 -11.12
C TYR A 202 38.43 -7.98 -11.59
N VAL A 203 37.48 -8.90 -11.34
CA VAL A 203 36.06 -8.74 -11.56
C VAL A 203 35.40 -8.59 -10.20
N LEU A 204 34.42 -7.69 -10.10
CA LEU A 204 33.68 -7.51 -8.87
C LEU A 204 32.26 -8.06 -9.01
N ALA A 205 31.85 -8.86 -8.03
CA ALA A 205 30.50 -9.45 -8.02
C ALA A 205 29.74 -9.09 -6.74
N THR A 206 28.46 -8.69 -6.86
CA THR A 206 27.48 -8.80 -5.77
C THR A 206 26.19 -9.48 -6.25
N ILE A 207 25.67 -10.38 -5.40
CA ILE A 207 24.47 -11.14 -5.68
C ILE A 207 23.67 -11.18 -4.38
N HIS A 208 22.44 -10.64 -4.39
CA HIS A 208 21.58 -10.90 -3.24
C HIS A 208 20.09 -10.83 -3.55
N ARG A 209 19.63 -10.79 -4.81
CA ARG A 209 18.19 -10.80 -5.02
C ARG A 209 17.61 -12.10 -4.45
N ALA A 210 16.46 -12.02 -3.79
CA ALA A 210 15.79 -13.22 -3.24
C ALA A 210 15.53 -14.27 -4.32
N GLU A 211 15.18 -13.80 -5.52
CA GLU A 211 14.89 -14.72 -6.61
C GLU A 211 16.15 -15.45 -7.06
N ASN A 212 17.34 -14.96 -6.69
CA ASN A 212 18.57 -15.62 -7.05
C ASN A 212 19.09 -16.46 -5.87
N THR A 213 18.68 -16.17 -4.63
CA THR A 213 19.37 -16.77 -3.50
C THR A 213 18.48 -17.80 -2.82
N ASP A 214 17.17 -17.61 -2.93
CA ASP A 214 16.21 -18.54 -2.35
C ASP A 214 16.09 -19.78 -3.22
N ASP A 215 16.52 -19.68 -4.46
CA ASP A 215 16.37 -20.77 -5.41
C ASP A 215 17.71 -21.48 -5.57
N GLN A 216 17.75 -22.73 -5.14
CA GLN A 216 19.03 -23.42 -5.04
C GLN A 216 19.71 -23.51 -6.42
N GLU A 217 18.91 -23.75 -7.46
CA GLU A 217 19.50 -24.04 -8.77
C GLU A 217 20.02 -22.75 -9.41
N ARG A 218 19.35 -21.63 -9.18
CA ARG A 218 19.85 -20.37 -9.69
C ARG A 218 21.13 -20.06 -8.91
N LEU A 219 21.10 -20.24 -7.58
CA LEU A 219 22.26 -19.82 -6.81
C LEU A 219 23.46 -20.67 -7.22
N ARG A 220 23.20 -21.94 -7.49
CA ARG A 220 24.26 -22.82 -7.90
C ARG A 220 24.80 -22.35 -9.24
N VAL A 221 23.92 -22.04 -10.20
CA VAL A 221 24.43 -21.58 -11.49
C VAL A 221 25.40 -20.39 -11.32
N ILE A 222 25.03 -19.44 -10.45
CA ILE A 222 25.81 -18.22 -10.25
C ILE A 222 27.12 -18.58 -9.57
N LEU A 223 27.12 -19.34 -8.46
CA LEU A 223 28.38 -19.54 -7.77
C LEU A 223 29.32 -20.39 -8.63
N GLU A 224 28.77 -21.33 -9.43
CA GLU A 224 29.58 -22.10 -10.36
C GLU A 224 30.20 -21.20 -11.42
N ALA A 225 29.38 -20.33 -12.01
CA ALA A 225 29.85 -19.39 -13.02
C ALA A 225 30.95 -18.47 -12.47
N LEU A 226 30.80 -17.95 -11.24
CA LEU A 226 31.81 -17.02 -10.72
C LEU A 226 33.13 -17.75 -10.44
N ALA A 227 33.08 -19.01 -10.02
CA ALA A 227 34.30 -19.79 -9.77
C ALA A 227 35.04 -20.08 -11.06
N GLU A 228 34.32 -20.41 -12.14
CA GLU A 228 34.91 -20.55 -13.46
C GLU A 228 35.57 -19.27 -13.90
N VAL A 229 34.86 -18.16 -13.73
CA VAL A 229 35.33 -16.88 -14.21
C VAL A 229 36.63 -16.58 -13.46
N HIS A 230 36.67 -16.98 -12.19
CA HIS A 230 37.84 -16.75 -11.33
C HIS A 230 39.09 -17.45 -11.85
N GLN A 231 38.94 -18.61 -12.54
CA GLN A 231 40.06 -19.32 -13.15
C GLN A 231 40.85 -18.42 -14.12
N GLU A 232 40.15 -17.44 -14.70
CA GLU A 232 40.60 -16.62 -15.80
C GLU A 232 41.00 -15.23 -15.29
N VAL A 233 40.22 -14.71 -14.31
CA VAL A 233 40.40 -13.37 -13.76
C VAL A 233 39.79 -13.38 -12.35
N PRO A 234 40.56 -12.99 -11.31
CA PRO A 234 40.09 -13.12 -9.93
C PRO A 234 38.74 -12.44 -9.78
N VAL A 235 37.86 -13.08 -8.99
CA VAL A 235 36.55 -12.55 -8.65
C VAL A 235 36.56 -12.12 -7.19
N VAL A 236 36.28 -10.83 -6.98
CA VAL A 236 36.07 -10.26 -5.67
C VAL A 236 34.58 -10.13 -5.40
N PHE A 237 34.16 -10.61 -4.24
CA PHE A 237 32.76 -10.92 -4.00
C PHE A 237 32.44 -10.60 -2.56
N PRO A 238 32.10 -9.35 -2.25
CA PRO A 238 31.54 -9.02 -0.94
C PRO A 238 30.17 -9.69 -0.89
N VAL A 239 30.02 -10.67 -0.01
CA VAL A 239 28.86 -11.53 -0.03
C VAL A 239 27.81 -11.00 0.94
N HIS A 240 26.63 -10.65 0.41
CA HIS A 240 25.53 -10.26 1.29
C HIS A 240 25.31 -11.34 2.34
N PRO A 241 24.92 -10.99 3.60
CA PRO A 241 24.73 -12.01 4.65
C PRO A 241 23.65 -13.07 4.37
N ARG A 242 22.56 -12.66 3.71
CA ARG A 242 21.52 -13.59 3.30
C ARG A 242 22.04 -14.54 2.22
N THR A 243 22.84 -13.99 1.30
CA THR A 243 23.42 -14.78 0.22
C THR A 243 24.33 -15.84 0.81
N ARG A 244 25.12 -15.44 1.80
CA ARG A 244 26.03 -16.35 2.46
C ARG A 244 25.22 -17.39 3.23
N LYS A 245 24.18 -16.97 3.94
CA LYS A 245 23.31 -17.93 4.62
C LYS A 245 22.77 -19.00 3.66
N ARG A 246 22.30 -18.55 2.50
CA ARG A 246 21.62 -19.44 1.56
C ARG A 246 22.63 -20.41 0.96
N ALA A 247 23.84 -19.94 0.68
CA ALA A 247 24.83 -20.78 0.04
C ALA A 247 25.33 -21.83 1.03
N GLU A 248 25.49 -21.45 2.30
CA GLU A 248 25.86 -22.41 3.32
C GLU A 248 24.76 -23.46 3.44
N ALA A 249 23.51 -23.01 3.47
CA ALA A 249 22.39 -23.91 3.75
C ALA A 249 22.24 -24.97 2.66
N PHE A 250 22.57 -24.61 1.42
CA PHE A 250 22.33 -25.51 0.31
C PHE A 250 23.58 -26.31 0.00
N GLY A 251 24.63 -26.12 0.81
CA GLY A 251 25.86 -26.86 0.58
C GLY A 251 26.74 -26.29 -0.53
N LEU A 252 26.52 -25.04 -0.96
CA LEU A 252 27.29 -24.40 -2.01
C LEU A 252 28.44 -23.54 -1.47
N GLY A 253 28.75 -23.66 -0.17
CA GLY A 253 29.71 -22.80 0.50
C GLY A 253 31.12 -22.91 -0.09
N SER A 254 31.45 -24.06 -0.69
CA SER A 254 32.79 -24.28 -1.23
C SER A 254 33.09 -23.35 -2.43
N TYR A 255 32.06 -22.97 -3.19
CA TYR A 255 32.26 -22.06 -4.32
C TYR A 255 32.69 -20.69 -3.85
N LEU A 256 32.28 -20.33 -2.66
CA LEU A 256 32.69 -19.07 -2.09
C LEU A 256 34.19 -19.12 -1.77
N GLU A 257 34.70 -20.30 -1.42
CA GLU A 257 36.09 -20.47 -1.06
C GLU A 257 36.94 -20.36 -2.32
N LYS A 258 36.36 -20.62 -3.50
CA LYS A 258 37.14 -20.66 -4.71
C LYS A 258 37.26 -19.28 -5.34
N VAL A 259 36.60 -18.26 -4.79
CA VAL A 259 36.82 -16.91 -5.28
C VAL A 259 37.27 -16.07 -4.11
N VAL A 260 37.48 -14.77 -4.33
CA VAL A 260 37.86 -13.91 -3.23
C VAL A 260 36.58 -13.35 -2.60
N ALA A 261 35.98 -14.16 -1.75
CA ALA A 261 34.77 -13.81 -1.04
C ALA A 261 35.12 -13.00 0.20
N LEU A 262 34.35 -11.96 0.47
CA LEU A 262 34.51 -11.06 1.58
C LEU A 262 33.17 -10.96 2.30
N GLU A 263 33.21 -10.48 3.53
CA GLU A 263 32.03 -9.93 4.18
C GLU A 263 31.63 -8.66 3.46
N PRO A 264 30.40 -8.14 3.68
CA PRO A 264 30.01 -6.87 3.07
C PRO A 264 30.98 -5.74 3.41
N VAL A 265 31.23 -4.82 2.46
CA VAL A 265 32.16 -3.71 2.68
C VAL A 265 31.43 -2.37 2.74
N GLY A 266 32.14 -1.39 3.30
CA GLY A 266 31.62 -0.04 3.41
C GLY A 266 31.63 0.62 2.04
N TYR A 267 30.97 1.78 1.94
CA TYR A 267 30.81 2.49 0.68
C TYR A 267 32.16 2.90 0.09
N LEU A 268 33.15 3.28 0.91
CA LEU A 268 34.41 3.79 0.39
C LEU A 268 35.21 2.66 -0.26
N ASP A 269 35.33 1.50 0.42
CA ASP A 269 35.92 0.32 -0.22
C ASP A 269 35.20 -0.04 -1.50
N MET A 270 33.87 0.03 -1.45
CA MET A 270 33.06 -0.44 -2.54
C MET A 270 33.32 0.40 -3.79
N VAL A 271 33.37 1.74 -3.61
CA VAL A 271 33.69 2.69 -4.67
C VAL A 271 35.02 2.32 -5.31
N MET A 272 36.01 1.98 -4.48
CA MET A 272 37.36 1.66 -4.94
C MET A 272 37.40 0.32 -5.67
N LEU A 273 36.68 -0.69 -5.14
CA LEU A 273 36.53 -1.97 -5.84
C LEU A 273 35.77 -1.79 -7.13
N GLU A 274 34.70 -0.99 -7.12
CA GLU A 274 33.95 -0.74 -8.35
C GLU A 274 34.83 -0.07 -9.41
N LYS A 275 35.51 1.03 -9.03
CA LYS A 275 36.25 1.93 -9.92
C LYS A 275 37.33 1.18 -10.68
N ASN A 276 37.97 0.27 -9.95
CA ASN A 276 39.16 -0.45 -10.40
C ASN A 276 38.83 -1.83 -10.99
N ALA A 277 37.54 -2.21 -11.06
CA ALA A 277 37.18 -3.50 -11.59
C ALA A 277 37.26 -3.48 -13.13
N ARG A 278 37.63 -4.60 -13.72
CA ARG A 278 37.61 -4.74 -15.17
C ARG A 278 36.16 -4.93 -15.60
N LEU A 279 35.36 -5.59 -14.74
CA LEU A 279 33.95 -5.78 -14.99
C LEU A 279 33.21 -6.13 -13.70
N ILE A 280 31.94 -5.70 -13.67
CA ILE A 280 31.07 -5.86 -12.52
C ILE A 280 29.92 -6.79 -12.91
N VAL A 281 29.77 -7.86 -12.12
CA VAL A 281 28.65 -8.78 -12.21
C VAL A 281 27.75 -8.52 -11.00
N THR A 282 26.47 -8.23 -11.23
CA THR A 282 25.60 -7.97 -10.10
C THR A 282 24.12 -8.28 -10.36
N ASP A 283 23.35 -8.36 -9.25
CA ASP A 283 21.92 -8.28 -9.30
C ASP A 283 21.42 -7.11 -8.46
N SER A 284 22.32 -6.16 -8.10
CA SER A 284 22.01 -4.95 -7.35
C SER A 284 21.59 -3.80 -8.28
N GLY A 285 20.60 -3.01 -7.86
CA GLY A 285 20.24 -1.76 -8.57
C GLY A 285 21.33 -0.69 -8.48
N GLY A 286 21.82 -0.42 -7.26
CA GLY A 286 22.81 0.62 -7.06
C GLY A 286 24.13 0.30 -7.77
N VAL A 287 24.54 -0.97 -7.70
CA VAL A 287 25.82 -1.39 -8.26
C VAL A 287 25.80 -1.32 -9.77
N GLN A 288 24.64 -1.52 -10.40
CA GLN A 288 24.62 -1.52 -11.85
C GLN A 288 24.71 -0.08 -12.36
N LYS A 289 24.20 0.88 -11.59
CA LYS A 289 24.33 2.27 -11.97
C LYS A 289 25.77 2.73 -11.74
N GLU A 290 26.35 2.29 -10.61
CA GLU A 290 27.69 2.67 -10.21
C GLU A 290 28.71 2.14 -11.22
N ALA A 291 28.49 0.91 -11.74
CA ALA A 291 29.32 0.40 -12.82
C ALA A 291 29.38 1.43 -13.95
N TYR A 292 28.22 1.98 -14.29
CA TYR A 292 28.15 2.98 -15.36
C TYR A 292 28.84 4.27 -14.93
N PHE A 293 28.66 4.72 -13.68
CA PHE A 293 29.37 5.89 -13.20
C PHE A 293 30.83 5.81 -13.62
N TYR A 294 31.49 4.66 -13.39
CA TYR A 294 32.93 4.51 -13.59
C TYR A 294 33.26 3.90 -14.93
N ARG A 295 32.29 3.79 -15.84
CA ARG A 295 32.51 3.25 -17.16
C ARG A 295 33.17 1.88 -17.13
N VAL A 296 32.77 1.02 -16.18
CA VAL A 296 33.15 -0.38 -16.12
C VAL A 296 31.97 -1.16 -16.70
N PRO A 297 32.17 -2.01 -17.75
CA PRO A 297 31.09 -2.84 -18.29
C PRO A 297 30.46 -3.70 -17.18
N CYS A 298 29.14 -3.88 -17.28
CA CYS A 298 28.34 -4.54 -16.26
C CYS A 298 27.51 -5.67 -16.87
N VAL A 299 27.43 -6.78 -16.12
CA VAL A 299 26.48 -7.85 -16.39
C VAL A 299 25.50 -7.97 -15.22
N THR A 300 24.22 -7.93 -15.54
CA THR A 300 23.16 -8.01 -14.53
C THR A 300 22.51 -9.40 -14.56
N VAL A 301 22.61 -10.12 -13.42
CA VAL A 301 22.24 -11.52 -13.40
C VAL A 301 20.75 -11.61 -13.07
N ARG A 302 19.92 -11.14 -14.02
CA ARG A 302 18.49 -11.14 -13.80
C ARG A 302 17.83 -11.26 -15.17
N GLU A 303 16.50 -11.46 -15.16
CA GLU A 303 15.74 -11.51 -16.40
C GLU A 303 15.33 -10.12 -16.87
N GLU A 304 15.41 -9.14 -15.99
CA GLU A 304 15.09 -7.78 -16.35
C GLU A 304 15.81 -6.82 -15.39
N THR A 305 15.87 -5.55 -15.80
CA THR A 305 16.31 -4.51 -14.89
C THR A 305 15.30 -3.37 -14.94
N GLU A 306 15.26 -2.58 -13.85
CA GLU A 306 14.48 -1.36 -13.79
C GLU A 306 15.22 -0.22 -14.48
N TRP A 307 16.53 -0.41 -14.69
CA TRP A 307 17.41 0.63 -15.21
C TRP A 307 17.74 0.42 -16.69
N VAL A 308 16.70 0.45 -17.54
CA VAL A 308 16.79 -0.03 -18.90
C VAL A 308 17.78 0.81 -19.72
N GLU A 309 17.96 2.08 -19.39
CA GLU A 309 18.84 2.95 -20.17
C GLU A 309 20.27 2.40 -20.17
N LEU A 310 20.67 1.68 -19.10
CA LEU A 310 21.97 1.06 -19.08
C LEU A 310 22.09 -0.01 -20.16
N LEU A 311 21.00 -0.73 -20.44
CA LEU A 311 21.04 -1.75 -21.49
C LEU A 311 21.08 -1.04 -22.83
N LYS A 312 20.28 0.02 -23.00
CA LYS A 312 20.22 0.71 -24.28
C LYS A 312 21.60 1.29 -24.60
N ALA A 313 22.27 1.88 -23.59
CA ALA A 313 23.59 2.48 -23.74
C ALA A 313 24.72 1.46 -23.87
N GLU A 314 24.45 0.16 -23.67
CA GLU A 314 25.37 -0.94 -23.94
C GLU A 314 26.43 -0.99 -22.86
N TRP A 315 26.15 -0.34 -21.74
CA TRP A 315 27.00 -0.42 -20.55
C TRP A 315 26.68 -1.64 -19.68
N ASN A 316 25.51 -2.26 -19.92
CA ASN A 316 24.95 -3.28 -19.05
C ASN A 316 24.33 -4.31 -19.98
N TYR A 317 24.28 -5.56 -19.50
CA TYR A 317 23.85 -6.71 -20.26
C TYR A 317 23.19 -7.70 -19.31
N LEU A 318 21.97 -8.16 -19.67
CA LEU A 318 21.23 -9.13 -18.87
C LEU A 318 21.74 -10.53 -19.16
N ALA A 319 22.08 -11.26 -18.10
CA ALA A 319 22.37 -12.68 -18.17
C ALA A 319 21.64 -13.43 -17.05
N ALA A 320 20.46 -13.94 -17.37
CA ALA A 320 19.68 -14.78 -16.49
C ALA A 320 20.46 -16.03 -16.12
N PRO A 321 20.41 -16.49 -14.85
CA PRO A 321 21.23 -17.61 -14.41
C PRO A 321 20.60 -18.98 -14.71
N GLN A 322 20.63 -19.38 -15.99
CA GLN A 322 20.05 -20.65 -16.40
C GLN A 322 21.12 -21.73 -16.51
N ASN A 323 22.35 -21.33 -16.84
CA ASN A 323 23.41 -22.27 -17.16
C ASN A 323 24.76 -21.68 -16.73
N ALA A 324 25.53 -22.46 -15.95
CA ALA A 324 26.72 -21.98 -15.28
C ALA A 324 27.79 -21.66 -16.32
N LYS A 325 27.90 -22.50 -17.38
CA LYS A 325 28.93 -22.29 -18.39
C LYS A 325 28.58 -21.09 -19.25
N ASP A 326 27.31 -21.02 -19.68
CA ASP A 326 26.80 -19.90 -20.46
C ASP A 326 27.03 -18.58 -19.72
N LEU A 327 26.81 -18.61 -18.40
CA LEU A 327 26.82 -17.38 -17.63
C LEU A 327 28.28 -16.92 -17.55
N ALA A 328 29.16 -17.90 -17.32
CA ALA A 328 30.59 -17.69 -17.25
C ALA A 328 31.15 -17.05 -18.52
N LEU A 329 30.77 -17.57 -19.69
CA LEU A 329 31.25 -17.08 -20.96
C LEU A 329 30.73 -15.69 -21.22
N THR A 330 29.44 -15.49 -20.91
CA THR A 330 28.83 -14.18 -21.07
C THR A 330 29.62 -13.12 -20.28
N ILE A 331 29.92 -13.42 -19.02
CA ILE A 331 30.68 -12.49 -18.20
C ILE A 331 32.07 -12.24 -18.84
N LEU A 332 32.77 -13.32 -19.23
CA LEU A 332 34.11 -13.18 -19.78
C LEU A 332 34.05 -12.41 -21.09
N HIS A 333 33.06 -12.65 -21.97
CA HIS A 333 32.94 -11.92 -23.22
CA HIS A 333 32.97 -11.92 -23.22
C HIS A 333 32.66 -10.44 -22.96
N ARG A 334 31.85 -10.13 -21.94
CA ARG A 334 31.42 -8.75 -21.78
C ARG A 334 32.55 -7.90 -21.20
N MET A 335 33.61 -8.49 -20.65
CA MET A 335 34.62 -7.66 -19.99
C MET A 335 35.53 -6.96 -20.98
N ARG A 336 35.45 -7.27 -22.28
CA ARG A 336 36.12 -6.44 -23.27
C ARG A 336 35.09 -5.83 -24.20
N THR A 337 34.07 -5.23 -23.59
CA THR A 337 33.11 -4.40 -24.29
C THR A 337 33.04 -3.08 -23.55
N LYS A 338 32.35 -2.12 -24.14
CA LYS A 338 32.03 -0.89 -23.45
C LYS A 338 30.77 -0.34 -24.11
N GLY A 339 30.20 0.68 -23.49
CA GLY A 339 28.96 1.29 -23.92
C GLY A 339 29.27 2.66 -24.53
N VAL A 340 28.21 3.40 -24.91
CA VAL A 340 28.33 4.67 -25.61
C VAL A 340 28.55 5.81 -24.62
N GLU A 341 29.07 6.95 -25.13
CA GLU A 341 29.19 8.17 -24.36
C GLU A 341 27.78 8.73 -24.15
N ILE A 342 27.37 8.89 -22.88
CA ILE A 342 26.05 9.39 -22.57
C ILE A 342 26.03 9.76 -21.09
N ASP A 343 25.34 10.85 -20.76
CA ASP A 343 25.17 11.27 -19.37
C ASP A 343 23.76 10.89 -18.94
N LEU A 344 23.69 10.04 -17.93
CA LEU A 344 22.45 9.60 -17.34
C LEU A 344 22.45 10.14 -15.91
N TYR A 345 21.29 10.15 -15.27
CA TYR A 345 21.20 10.30 -13.82
C TYR A 345 21.45 11.74 -13.34
N GLY A 346 21.56 12.70 -14.30
CA GLY A 346 21.68 14.12 -13.99
C GLY A 346 23.09 14.59 -13.65
N ASP A 347 23.15 15.78 -13.03
CA ASP A 347 24.38 16.56 -12.93
C ASP A 347 25.07 16.32 -11.60
N GLY A 348 24.49 15.47 -10.74
CA GLY A 348 25.02 15.24 -9.40
C GLY A 348 24.46 16.17 -8.33
N ARG A 349 23.38 16.89 -8.71
CA ARG A 349 22.67 17.85 -7.86
C ARG A 349 21.17 17.48 -7.81
N ALA A 350 20.87 16.16 -7.82
CA ALA A 350 19.52 15.67 -7.66
C ALA A 350 19.00 16.07 -6.27
N SER A 351 19.88 16.01 -5.26
CA SER A 351 19.50 16.31 -3.89
C SER A 351 19.05 17.76 -3.68
N GLN A 352 19.65 18.72 -4.38
CA GLN A 352 19.24 20.12 -4.21
C GLN A 352 18.00 20.39 -5.05
N LYS A 353 17.85 19.74 -6.22
CA LYS A 353 16.59 19.78 -6.93
C LYS A 353 15.46 19.32 -6.00
N ILE A 354 15.71 18.29 -5.18
CA ILE A 354 14.74 17.75 -4.25
C ILE A 354 14.52 18.74 -3.09
N SER A 355 15.59 19.14 -2.42
CA SER A 355 15.51 20.26 -1.48
C SER A 355 14.64 21.43 -1.99
N ASP A 356 14.94 21.95 -3.18
CA ASP A 356 14.22 23.07 -3.77
C ASP A 356 12.72 22.79 -3.87
N PHE A 357 12.34 21.78 -4.66
CA PHE A 357 10.94 21.39 -4.82
C PHE A 357 10.19 21.21 -3.49
N LEU A 358 10.87 20.80 -2.40
CA LEU A 358 10.20 20.58 -1.13
C LEU A 358 9.88 21.91 -0.46
N ARG A 359 10.91 22.72 -0.23
CA ARG A 359 10.78 23.99 0.48
C ARG A 359 9.91 24.95 -0.33
N LYS A 360 9.73 24.72 -1.64
CA LYS A 360 8.68 25.37 -2.41
C LYS A 360 7.33 24.71 -2.13
N VAL A 361 7.11 23.48 -2.63
CA VAL A 361 5.86 22.74 -2.44
C VAL A 361 5.75 22.35 -0.96
N TRP B 2 -11.01 -28.66 -3.41
CA TRP B 2 -10.11 -28.40 -4.56
C TRP B 2 -9.45 -27.02 -4.44
N VAL B 3 -10.19 -25.95 -4.01
CA VAL B 3 -9.62 -24.61 -3.89
C VAL B 3 -10.02 -23.94 -2.58
N LYS B 4 -9.06 -23.34 -1.88
CA LYS B 4 -9.37 -22.74 -0.61
C LYS B 4 -9.36 -21.20 -0.73
N ILE B 5 -10.47 -20.58 -0.33
CA ILE B 5 -10.65 -19.14 -0.47
C ILE B 5 -10.87 -18.51 0.90
N LEU B 6 -9.93 -17.69 1.35
CA LEU B 6 -10.00 -17.07 2.67
C LEU B 6 -10.42 -15.59 2.55
N SER B 7 -11.55 -15.27 3.20
CA SER B 7 -12.09 -13.92 3.29
C SER B 7 -11.55 -13.25 4.55
N VAL B 8 -11.14 -11.97 4.41
CA VAL B 8 -10.79 -11.13 5.55
C VAL B 8 -11.87 -10.06 5.70
N VAL B 9 -12.49 -10.01 6.88
CA VAL B 9 -13.49 -9.04 7.21
C VAL B 9 -13.20 -8.49 8.60
N GLY B 10 -13.76 -7.31 8.88
CA GLY B 10 -13.44 -6.57 10.10
C GLY B 10 -14.58 -5.68 10.59
N ALA B 11 -15.33 -5.09 9.66
CA ALA B 11 -16.35 -4.13 10.01
C ALA B 11 -17.71 -4.51 9.42
N ARG B 12 -18.75 -3.97 10.07
CA ARG B 12 -20.13 -4.17 9.68
C ARG B 12 -20.32 -4.28 8.16
N PRO B 13 -19.99 -3.26 7.30
CA PRO B 13 -20.34 -3.35 5.88
C PRO B 13 -19.64 -4.49 5.14
N GLN B 14 -18.56 -5.00 5.74
CA GLN B 14 -17.79 -6.12 5.22
C GLN B 14 -18.47 -7.45 5.57
N PHE B 15 -19.13 -7.57 6.74
CA PHE B 15 -19.90 -8.76 7.07
C PHE B 15 -21.11 -8.88 6.15
N ILE B 16 -21.70 -7.76 5.74
CA ILE B 16 -22.84 -7.83 4.86
C ILE B 16 -22.42 -8.29 3.47
N LYS B 17 -21.32 -7.71 2.96
CA LYS B 17 -20.80 -8.07 1.64
C LYS B 17 -20.40 -9.55 1.65
N ALA B 18 -19.65 -9.98 2.68
CA ALA B 18 -19.21 -11.36 2.85
C ALA B 18 -20.37 -12.36 3.00
N ALA B 19 -21.47 -11.93 3.62
CA ALA B 19 -22.67 -12.75 3.68
C ALA B 19 -23.08 -13.18 2.29
N ALA B 20 -23.18 -12.18 1.40
CA ALA B 20 -23.71 -12.37 0.06
C ALA B 20 -22.79 -13.29 -0.75
N VAL B 21 -21.48 -13.07 -0.65
CA VAL B 21 -20.52 -13.84 -1.42
C VAL B 21 -20.42 -15.25 -0.86
N SER B 22 -20.22 -15.36 0.46
CA SER B 22 -20.11 -16.64 1.14
C SER B 22 -21.25 -17.58 0.82
N ARG B 23 -22.48 -17.08 0.76
CA ARG B 23 -23.61 -17.93 0.47
C ARG B 23 -23.37 -18.66 -0.86
N VAL B 24 -22.95 -17.92 -1.89
CA VAL B 24 -22.63 -18.52 -3.18
C VAL B 24 -21.47 -19.50 -3.07
N LEU B 25 -20.37 -19.12 -2.43
CA LEU B 25 -19.21 -20.00 -2.38
C LEU B 25 -19.52 -21.33 -1.68
N ARG B 26 -20.55 -21.34 -0.82
CA ARG B 26 -20.89 -22.55 -0.10
C ARG B 26 -21.54 -23.56 -1.06
N ALA B 27 -22.36 -23.05 -1.97
CA ALA B 27 -22.95 -23.83 -3.05
C ALA B 27 -21.93 -24.29 -4.10
N SER B 28 -20.78 -23.61 -4.23
CA SER B 28 -19.82 -23.97 -5.26
C SER B 28 -19.10 -25.24 -4.82
N PRO B 29 -18.96 -26.24 -5.74
CA PRO B 29 -18.20 -27.46 -5.44
C PRO B 29 -16.69 -27.17 -5.52
N GLY B 30 -15.90 -27.94 -4.79
CA GLY B 30 -14.46 -27.76 -4.82
C GLY B 30 -14.05 -26.34 -4.37
N VAL B 31 -14.69 -25.89 -3.27
CA VAL B 31 -14.48 -24.58 -2.69
C VAL B 31 -14.64 -24.69 -1.16
N ARG B 32 -13.52 -24.62 -0.46
CA ARG B 32 -13.53 -24.46 0.99
C ARG B 32 -13.26 -22.98 1.29
N GLU B 33 -13.99 -22.43 2.26
CA GLU B 33 -13.84 -21.07 2.76
C GLU B 33 -13.13 -21.07 4.11
N VAL B 34 -12.39 -20.00 4.36
CA VAL B 34 -11.92 -19.68 5.69
C VAL B 34 -12.22 -18.19 5.91
N LEU B 35 -12.93 -17.88 6.98
CA LEU B 35 -13.29 -16.51 7.28
C LEU B 35 -12.43 -16.01 8.45
N VAL B 36 -11.64 -14.95 8.23
CA VAL B 36 -10.86 -14.29 9.28
C VAL B 36 -11.53 -12.98 9.65
N HIS B 37 -12.04 -12.88 10.89
CA HIS B 37 -12.60 -11.66 11.43
C HIS B 37 -11.49 -10.95 12.18
N THR B 38 -11.09 -9.74 11.71
CA THR B 38 -9.93 -9.07 12.24
C THR B 38 -10.18 -8.60 13.68
N GLY B 39 -11.45 -8.43 14.01
CA GLY B 39 -11.81 -7.90 15.31
C GLY B 39 -12.01 -6.40 15.26
N GLN B 40 -11.96 -5.83 14.04
CA GLN B 40 -12.08 -4.38 13.90
C GLN B 40 -13.38 -3.87 14.53
N HIS B 41 -14.54 -4.46 14.16
CA HIS B 41 -15.79 -4.22 14.87
C HIS B 41 -16.08 -5.40 15.80
N TYR B 42 -16.44 -5.07 17.04
CA TYR B 42 -16.43 -6.04 18.14
C TYR B 42 -17.72 -6.01 18.97
N ASP B 43 -18.39 -4.87 19.11
CA ASP B 43 -19.68 -4.83 19.80
C ASP B 43 -20.67 -5.72 19.06
N ASP B 44 -21.62 -6.31 19.81
CA ASP B 44 -22.55 -7.29 19.27
C ASP B 44 -23.48 -6.66 18.24
N ASN B 45 -23.83 -5.39 18.45
CA ASN B 45 -24.73 -4.68 17.54
C ASN B 45 -23.98 -4.14 16.31
N MET B 46 -22.66 -4.37 16.26
CA MET B 46 -21.83 -4.05 15.10
C MET B 46 -21.25 -5.30 14.39
N SER B 47 -21.29 -6.50 15.02
CA SER B 47 -20.59 -7.68 14.51
C SER B 47 -21.50 -8.91 14.61
N GLN B 48 -21.63 -9.46 15.82
CA GLN B 48 -22.42 -10.66 16.08
C GLN B 48 -23.81 -10.62 15.42
N VAL B 49 -24.54 -9.51 15.54
CA VAL B 49 -25.90 -9.48 15.03
C VAL B 49 -25.94 -9.77 13.53
N PHE B 50 -24.85 -9.46 12.83
CA PHE B 50 -24.82 -9.63 11.38
C PHE B 50 -24.58 -11.10 11.06
N PHE B 51 -23.62 -11.72 11.76
CA PHE B 51 -23.39 -13.16 11.64
C PHE B 51 -24.71 -13.90 11.86
N GLU B 52 -25.44 -13.53 12.93
CA GLU B 52 -26.67 -14.25 13.25
C GLU B 52 -27.73 -14.00 12.19
N GLU B 53 -28.16 -12.77 11.94
CA GLU B 53 -29.31 -12.55 11.07
C GLU B 53 -29.00 -12.84 9.61
N LEU B 54 -27.74 -12.77 9.21
CA LEU B 54 -27.40 -12.94 7.82
C LEU B 54 -26.88 -14.36 7.54
N GLU B 55 -26.78 -15.21 8.56
CA GLU B 55 -26.67 -16.65 8.38
C GLU B 55 -25.23 -16.95 8.00
N ILE B 56 -24.31 -16.20 8.62
CA ILE B 56 -22.90 -16.34 8.31
C ILE B 56 -22.29 -17.29 9.33
N PRO B 57 -21.59 -18.34 8.93
CA PRO B 57 -20.85 -19.19 9.88
C PRO B 57 -19.83 -18.45 10.71
N ASP B 58 -19.61 -18.93 11.95
CA ASP B 58 -18.67 -18.28 12.81
C ASP B 58 -17.32 -18.22 12.11
N PRO B 59 -16.64 -17.06 12.22
CA PRO B 59 -15.25 -16.92 11.82
C PRO B 59 -14.36 -18.11 12.20
N ASP B 60 -13.51 -18.56 11.27
CA ASP B 60 -12.53 -19.57 11.62
C ASP B 60 -11.53 -18.94 12.59
N TYR B 61 -11.22 -17.65 12.41
CA TYR B 61 -10.27 -16.96 13.27
C TYR B 61 -10.82 -15.59 13.68
N HIS B 62 -10.60 -15.22 14.95
CA HIS B 62 -10.92 -13.91 15.51
CA HIS B 62 -10.90 -13.88 15.45
C HIS B 62 -9.63 -13.33 16.06
N LEU B 63 -9.08 -12.30 15.40
CA LEU B 63 -7.78 -11.75 15.76
C LEU B 63 -7.94 -10.78 16.92
N GLY B 64 -9.14 -10.25 17.11
CA GLY B 64 -9.47 -9.35 18.20
C GLY B 64 -8.63 -8.07 18.22
N ILE B 65 -8.50 -7.40 17.06
CA ILE B 65 -7.76 -6.18 16.95
C ILE B 65 -8.74 -5.08 16.60
N GLY B 66 -8.57 -3.95 17.28
CA GLY B 66 -9.53 -2.86 17.14
C GLY B 66 -9.28 -1.73 18.15
N GLY B 67 -9.78 -0.53 17.82
CA GLY B 67 -9.86 0.57 18.75
C GLY B 67 -8.57 1.38 18.84
N GLY B 68 -7.53 1.02 18.07
CA GLY B 68 -6.28 1.79 18.04
C GLY B 68 -6.22 2.85 16.93
N THR B 69 -5.02 3.39 16.71
CA THR B 69 -4.72 4.24 15.58
C THR B 69 -4.70 3.45 14.25
N HIS B 70 -4.53 4.17 13.13
CA HIS B 70 -4.35 3.52 11.84
C HIS B 70 -3.14 2.59 11.90
N GLY B 71 -2.08 3.11 12.51
CA GLY B 71 -0.80 2.44 12.59
C GLY B 71 -0.89 1.13 13.34
N GLN B 72 -1.53 1.20 14.53
CA GLN B 72 -1.68 0.08 15.44
C GLN B 72 -2.61 -0.98 14.83
N ASN B 73 -3.83 -0.58 14.53
CA ASN B 73 -4.77 -1.50 13.92
C ASN B 73 -4.15 -2.14 12.68
N THR B 74 -3.68 -1.30 11.74
CA THR B 74 -3.24 -1.85 10.47
C THR B 74 -2.04 -2.76 10.72
N GLY B 75 -1.09 -2.28 11.52
CA GLY B 75 0.15 -2.96 11.70
C GLY B 75 -0.08 -4.31 12.36
N ARG B 76 -0.97 -4.31 13.36
CA ARG B 76 -1.16 -5.53 14.13
C ARG B 76 -1.91 -6.53 13.28
N MET B 77 -2.90 -6.02 12.55
CA MET B 77 -3.66 -6.85 11.61
C MET B 77 -2.73 -7.42 10.55
N LEU B 78 -1.77 -6.62 10.06
CA LEU B 78 -0.88 -7.12 9.03
C LEU B 78 -0.13 -8.36 9.52
N GLU B 79 0.48 -8.26 10.70
CA GLU B 79 1.25 -9.37 11.25
C GLU B 79 0.35 -10.56 11.61
N ALA B 80 -0.78 -10.28 12.23
CA ALA B 80 -1.70 -11.33 12.59
C ALA B 80 -2.21 -12.05 11.35
N ILE B 81 -2.67 -11.32 10.32
CA ILE B 81 -3.24 -12.00 9.15
C ILE B 81 -2.16 -12.84 8.47
N GLU B 82 -0.90 -12.37 8.43
CA GLU B 82 0.14 -13.14 7.77
C GLU B 82 0.30 -14.51 8.47
N GLY B 83 0.18 -14.49 9.81
CA GLY B 83 0.18 -15.72 10.59
C GLY B 83 -0.90 -16.73 10.16
N VAL B 84 -2.12 -16.26 10.00
CA VAL B 84 -3.19 -17.15 9.60
C VAL B 84 -2.88 -17.70 8.21
N LEU B 85 -2.34 -16.86 7.32
CA LEU B 85 -2.19 -17.24 5.92
C LEU B 85 -1.06 -18.26 5.80
N LEU B 86 -0.07 -18.17 6.68
CA LEU B 86 1.03 -19.11 6.62
C LEU B 86 0.56 -20.48 7.11
N LYS B 87 -0.42 -20.49 8.03
CA LYS B 87 -1.10 -21.70 8.43
C LYS B 87 -2.05 -22.20 7.32
N GLU B 88 -2.99 -21.37 6.89
CA GLU B 88 -4.05 -21.81 6.00
C GLU B 88 -3.57 -21.97 4.55
N LYS B 89 -2.57 -21.22 4.13
CA LYS B 89 -2.06 -21.28 2.76
C LYS B 89 -3.20 -21.38 1.75
N PRO B 90 -4.19 -20.46 1.75
CA PRO B 90 -5.30 -20.50 0.79
C PRO B 90 -4.84 -20.21 -0.63
N ASP B 91 -5.74 -20.47 -1.58
CA ASP B 91 -5.42 -20.23 -2.98
C ASP B 91 -5.76 -18.77 -3.33
N TRP B 92 -6.84 -18.25 -2.70
CA TRP B 92 -7.25 -16.87 -2.84
C TRP B 92 -7.45 -16.22 -1.47
N VAL B 93 -7.13 -14.92 -1.38
CA VAL B 93 -7.65 -14.09 -0.31
C VAL B 93 -8.62 -13.07 -0.89
N LEU B 94 -9.82 -13.03 -0.35
CA LEU B 94 -10.81 -12.05 -0.70
C LEU B 94 -10.78 -10.95 0.36
N VAL B 95 -10.70 -9.69 -0.11
CA VAL B 95 -10.86 -8.54 0.77
C VAL B 95 -11.97 -7.64 0.20
N TYR B 96 -12.60 -6.88 1.10
CA TYR B 96 -13.86 -6.22 0.82
C TYR B 96 -13.76 -4.74 1.16
N GLY B 97 -14.33 -3.90 0.30
CA GLY B 97 -14.42 -2.49 0.66
C GLY B 97 -13.07 -1.83 0.89
N ASN B 98 -12.95 -0.99 1.94
CA ASN B 98 -11.77 -0.17 2.06
C ASN B 98 -11.46 0.26 3.49
N THR B 99 -11.54 -0.67 4.43
CA THR B 99 -11.13 -0.35 5.79
C THR B 99 -9.67 -0.72 5.96
N ASP B 100 -9.12 -0.36 7.13
CA ASP B 100 -7.77 -0.78 7.49
C ASP B 100 -7.60 -2.29 7.44
N SER B 101 -8.67 -3.07 7.72
CA SER B 101 -8.66 -4.52 7.65
C SER B 101 -8.50 -5.00 6.19
N THR B 102 -9.17 -4.32 5.26
CA THR B 102 -9.01 -4.59 3.84
C THR B 102 -7.54 -4.49 3.45
N LEU B 103 -6.92 -3.36 3.79
CA LEU B 103 -5.57 -3.09 3.34
C LEU B 103 -4.65 -4.12 3.98
N ALA B 104 -4.82 -4.36 5.28
CA ALA B 104 -3.89 -5.27 5.95
C ALA B 104 -4.01 -6.67 5.34
N GLY B 105 -5.24 -7.09 5.01
CA GLY B 105 -5.46 -8.36 4.32
C GLY B 105 -4.72 -8.44 2.99
N ALA B 106 -4.82 -7.38 2.18
CA ALA B 106 -4.17 -7.42 0.89
C ALA B 106 -2.66 -7.45 1.06
N LEU B 107 -2.12 -6.61 1.93
CA LEU B 107 -0.67 -6.53 2.13
C LEU B 107 -0.06 -7.81 2.67
N ALA B 108 -0.72 -8.46 3.61
CA ALA B 108 -0.31 -9.76 4.13
C ALA B 108 -0.19 -10.78 2.99
N ALA B 109 -1.27 -10.85 2.21
CA ALA B 109 -1.38 -11.86 1.17
C ALA B 109 -0.36 -11.61 0.07
N VAL B 110 -0.31 -10.37 -0.49
CA VAL B 110 0.49 -10.13 -1.68
C VAL B 110 1.97 -10.44 -1.45
N LYS B 111 2.49 -10.21 -0.25
CA LYS B 111 3.89 -10.48 0.06
C LYS B 111 4.13 -11.98 0.28
N LEU B 112 3.05 -12.77 0.45
CA LEU B 112 3.14 -14.23 0.50
C LEU B 112 2.86 -14.85 -0.86
N HIS B 113 2.75 -14.06 -1.93
CA HIS B 113 2.41 -14.58 -3.25
C HIS B 113 1.05 -15.24 -3.25
N ILE B 114 0.13 -14.77 -2.40
CA ILE B 114 -1.20 -15.35 -2.44
C ILE B 114 -2.08 -14.39 -3.20
N PRO B 115 -2.74 -14.87 -4.27
CA PRO B 115 -3.57 -14.00 -5.10
C PRO B 115 -4.65 -13.34 -4.23
N VAL B 116 -4.83 -12.04 -4.45
CA VAL B 116 -5.85 -11.24 -3.76
C VAL B 116 -6.93 -10.82 -4.75
N ALA B 117 -8.19 -11.01 -4.38
CA ALA B 117 -9.28 -10.41 -5.11
C ALA B 117 -9.96 -9.35 -4.24
N HIS B 118 -10.28 -8.21 -4.85
CA HIS B 118 -10.92 -7.11 -4.15
C HIS B 118 -12.38 -7.00 -4.61
N VAL B 119 -13.28 -7.39 -3.68
CA VAL B 119 -14.70 -7.12 -3.83
C VAL B 119 -15.01 -5.67 -3.48
N GLU B 120 -15.48 -4.92 -4.50
CA GLU B 120 -15.80 -3.51 -4.48
C GLU B 120 -14.50 -2.75 -4.73
N ALA B 121 -14.10 -2.79 -6.00
CA ALA B 121 -12.84 -2.29 -6.46
C ALA B 121 -13.09 -1.09 -7.37
N GLY B 122 -12.19 -0.12 -7.29
CA GLY B 122 -12.07 0.99 -8.23
C GLY B 122 -12.81 2.26 -7.84
N LEU B 123 -13.48 2.28 -6.67
CA LEU B 123 -14.22 3.45 -6.27
C LEU B 123 -13.20 4.53 -5.91
N ARG B 124 -13.51 5.81 -6.25
CA ARG B 124 -12.57 6.88 -5.90
C ARG B 124 -13.35 8.10 -5.43
N SER B 125 -12.92 8.68 -4.30
CA SER B 125 -13.45 9.96 -3.83
C SER B 125 -12.60 11.12 -4.35
N PHE B 126 -11.38 10.83 -4.81
CA PHE B 126 -10.37 11.85 -5.17
C PHE B 126 -10.04 12.73 -3.97
N ASN B 127 -10.01 12.14 -2.78
CA ASN B 127 -9.70 12.93 -1.60
C ASN B 127 -8.82 12.09 -0.70
N ARG B 128 -7.51 12.27 -0.81
CA ARG B 128 -6.59 11.39 -0.11
C ARG B 128 -6.64 11.59 1.41
N ARG B 129 -7.09 12.73 1.89
CA ARG B 129 -7.17 12.89 3.32
C ARG B 129 -8.05 11.80 3.92
N MET B 130 -9.01 11.28 3.16
CA MET B 130 -9.77 10.12 3.60
C MET B 130 -8.82 8.92 3.72
N PRO B 131 -8.65 8.32 4.91
CA PRO B 131 -7.97 7.04 5.05
C PRO B 131 -8.52 6.00 4.09
N GLU B 132 -9.85 6.03 3.88
CA GLU B 132 -10.49 5.07 3.01
C GLU B 132 -9.98 5.19 1.57
N GLU B 133 -9.64 6.40 1.09
CA GLU B 133 -9.22 6.56 -0.29
C GLU B 133 -7.87 5.89 -0.52
N ILE B 134 -6.96 6.09 0.42
CA ILE B 134 -5.68 5.39 0.47
C ILE B 134 -5.88 3.88 0.49
N ASN B 135 -6.76 3.39 1.37
CA ASN B 135 -7.04 1.96 1.49
C ASN B 135 -7.49 1.36 0.16
N ARG B 136 -8.36 2.06 -0.58
CA ARG B 136 -8.80 1.41 -1.81
C ARG B 136 -7.80 1.57 -2.96
N ILE B 137 -7.05 2.68 -3.06
CA ILE B 137 -5.99 2.80 -4.06
C ILE B 137 -4.98 1.67 -3.85
N LEU B 138 -4.40 1.56 -2.65
CA LEU B 138 -3.37 0.56 -2.39
C LEU B 138 -3.92 -0.86 -2.52
N THR B 139 -5.15 -1.10 -2.04
CA THR B 139 -5.77 -2.42 -2.17
C THR B 139 -5.89 -2.76 -3.65
N ASP B 140 -6.41 -1.83 -4.45
CA ASP B 140 -6.59 -2.11 -5.86
C ASP B 140 -5.24 -2.40 -6.52
N HIS B 141 -4.20 -1.66 -6.15
CA HIS B 141 -2.88 -1.87 -6.75
C HIS B 141 -2.22 -3.14 -6.24
N ALA B 142 -2.72 -3.69 -5.14
CA ALA B 142 -2.18 -4.92 -4.61
C ALA B 142 -2.93 -6.13 -5.18
N SER B 143 -4.07 -5.94 -5.87
CA SER B 143 -5.00 -7.03 -6.12
C SER B 143 -4.69 -7.68 -7.47
N ASP B 144 -5.01 -8.96 -7.59
CA ASP B 144 -4.90 -9.66 -8.86
C ASP B 144 -6.24 -9.63 -9.58
N LEU B 145 -7.37 -9.62 -8.83
CA LEU B 145 -8.69 -9.52 -9.45
C LEU B 145 -9.43 -8.36 -8.83
N LEU B 146 -10.15 -7.60 -9.67
CA LEU B 146 -10.78 -6.38 -9.25
C LEU B 146 -12.25 -6.43 -9.64
N PHE B 147 -13.09 -6.64 -8.62
CA PHE B 147 -14.52 -6.75 -8.83
C PHE B 147 -15.19 -5.38 -8.65
N ALA B 148 -15.38 -4.71 -9.78
CA ALA B 148 -15.84 -3.35 -9.78
C ALA B 148 -17.35 -3.38 -9.84
N PRO B 149 -18.01 -2.48 -9.09
CA PRO B 149 -19.47 -2.44 -9.06
C PRO B 149 -20.14 -1.53 -10.08
N THR B 150 -19.38 -0.60 -10.65
CA THR B 150 -19.91 0.40 -11.57
C THR B 150 -18.91 0.60 -12.71
N GLU B 151 -19.35 1.24 -13.79
CA GLU B 151 -18.46 1.56 -14.90
C GLU B 151 -17.45 2.60 -14.47
N THR B 152 -17.89 3.58 -13.69
CA THR B 152 -16.97 4.59 -13.19
C THR B 152 -15.76 3.92 -12.54
N ALA B 153 -16.02 2.92 -11.70
CA ALA B 153 -14.95 2.26 -11.01
C ALA B 153 -14.05 1.52 -12.01
N VAL B 154 -14.63 0.91 -13.05
CA VAL B 154 -13.80 0.29 -14.07
C VAL B 154 -12.89 1.38 -14.66
N GLN B 155 -13.46 2.53 -14.98
CA GLN B 155 -12.70 3.60 -15.63
C GLN B 155 -11.64 4.12 -14.67
N ASN B 156 -11.97 4.25 -13.37
CA ASN B 156 -10.95 4.63 -12.41
C ASN B 156 -9.73 3.71 -12.50
N LEU B 157 -9.96 2.39 -12.52
CA LEU B 157 -8.88 1.41 -12.49
C LEU B 157 -8.10 1.48 -13.80
N LEU B 158 -8.78 1.55 -14.93
CA LEU B 158 -8.07 1.65 -16.19
C LEU B 158 -7.14 2.87 -16.17
N ARG B 159 -7.59 3.99 -15.58
CA ARG B 159 -6.84 5.25 -15.62
C ARG B 159 -5.58 5.11 -14.77
N GLU B 160 -5.58 4.18 -13.80
CA GLU B 160 -4.44 4.05 -12.92
C GLU B 160 -3.50 2.94 -13.41
N GLY B 161 -3.65 2.52 -14.66
CA GLY B 161 -2.68 1.65 -15.29
C GLY B 161 -2.98 0.19 -15.01
N ILE B 162 -4.17 -0.12 -14.47
CA ILE B 162 -4.51 -1.50 -14.20
C ILE B 162 -5.14 -2.14 -15.42
N PRO B 163 -4.65 -3.34 -15.83
CA PRO B 163 -5.04 -3.90 -17.12
C PRO B 163 -6.48 -4.34 -17.08
N GLU B 164 -7.07 -4.33 -18.27
CA GLU B 164 -8.46 -4.71 -18.46
C GLU B 164 -8.72 -6.15 -18.06
N ASN B 165 -7.77 -7.06 -18.25
CA ASN B 165 -8.04 -8.47 -18.02
C ASN B 165 -8.08 -8.81 -16.53
N ARG B 166 -7.65 -7.90 -15.63
CA ARG B 166 -7.77 -8.13 -14.18
C ARG B 166 -9.03 -7.46 -13.61
N ILE B 167 -9.77 -6.73 -14.45
CA ILE B 167 -10.93 -5.95 -14.03
C ILE B 167 -12.19 -6.64 -14.55
N HIS B 168 -13.15 -6.86 -13.65
CA HIS B 168 -14.47 -7.36 -14.04
C HIS B 168 -15.55 -6.53 -13.37
N LEU B 169 -16.50 -6.08 -14.17
CA LEU B 169 -17.67 -5.34 -13.73
C LEU B 169 -18.75 -6.36 -13.40
N VAL B 170 -18.98 -6.57 -12.10
CA VAL B 170 -19.81 -7.66 -11.61
C VAL B 170 -21.05 -7.10 -10.95
N GLY B 171 -21.09 -5.77 -10.76
CA GLY B 171 -22.14 -5.14 -9.99
C GLY B 171 -21.82 -5.21 -8.51
N ASP B 172 -22.83 -4.97 -7.70
CA ASP B 172 -22.59 -4.72 -6.28
C ASP B 172 -23.23 -5.81 -5.41
N VAL B 173 -22.41 -6.47 -4.59
CA VAL B 173 -22.91 -7.61 -3.83
C VAL B 173 -23.87 -7.09 -2.76
N MET B 174 -23.97 -5.76 -2.55
CA MET B 174 -24.86 -5.24 -1.51
C MET B 174 -26.27 -5.13 -2.06
N TYR B 175 -26.40 -5.14 -3.39
CA TYR B 175 -27.69 -5.27 -4.02
C TYR B 175 -28.16 -6.72 -3.90
N ASP B 176 -27.25 -7.67 -4.12
CA ASP B 176 -27.55 -9.08 -3.90
C ASP B 176 -28.04 -9.28 -2.47
N ALA B 177 -27.32 -8.70 -1.50
CA ALA B 177 -27.67 -8.83 -0.09
C ALA B 177 -29.09 -8.32 0.15
N ALA B 178 -29.38 -7.08 -0.27
CA ALA B 178 -30.70 -6.49 -0.07
C ALA B 178 -31.79 -7.34 -0.73
N LEU B 179 -31.50 -7.78 -1.94
CA LEU B 179 -32.43 -8.61 -2.68
C LEU B 179 -32.69 -9.89 -1.89
N HIS B 180 -31.63 -10.56 -1.41
CA HIS B 180 -31.78 -11.88 -0.82
C HIS B 180 -32.44 -11.81 0.57
N TYR B 181 -32.13 -10.76 1.39
CA TYR B 181 -32.60 -10.74 2.77
C TYR B 181 -33.88 -9.92 2.95
N GLY B 182 -34.41 -9.36 1.87
CA GLY B 182 -35.57 -8.46 1.91
C GLY B 182 -36.81 -9.10 2.56
N ALA B 183 -37.13 -10.33 2.16
CA ALA B 183 -38.29 -11.05 2.70
C ALA B 183 -38.11 -11.38 4.18
N LYS B 184 -36.92 -11.82 4.56
CA LYS B 184 -36.67 -12.09 5.95
C LYS B 184 -36.87 -10.82 6.80
N ALA B 185 -36.38 -9.68 6.34
CA ALA B 185 -36.47 -8.46 7.13
C ALA B 185 -37.94 -8.10 7.35
N GLU B 186 -38.71 -8.11 6.25
CA GLU B 186 -40.14 -7.86 6.31
C GLU B 186 -40.81 -8.83 7.30
N ARG B 187 -40.52 -10.12 7.19
CA ARG B 187 -41.11 -11.11 8.08
C ARG B 187 -40.72 -10.84 9.52
N LYS B 188 -39.46 -10.51 9.80
CA LYS B 188 -39.03 -10.56 11.17
C LYS B 188 -38.95 -9.20 11.86
N SER B 189 -38.85 -8.08 11.15
CA SER B 189 -38.48 -6.85 11.85
C SER B 189 -39.73 -6.20 12.43
N ARG B 190 -39.61 -5.72 13.67
CA ARG B 190 -40.73 -5.06 14.32
C ARG B 190 -40.33 -3.64 14.70
N ILE B 191 -39.33 -3.10 14.01
CA ILE B 191 -38.67 -1.90 14.48
C ILE B 191 -39.68 -0.76 14.37
N LEU B 192 -40.54 -0.77 13.34
CA LEU B 192 -41.48 0.32 13.14
C LEU B 192 -42.48 0.31 14.30
N GLU B 193 -43.09 -0.84 14.54
CA GLU B 193 -43.98 -1.04 15.69
C GLU B 193 -43.32 -0.50 16.95
N ARG B 194 -42.08 -0.90 17.20
CA ARG B 194 -41.38 -0.61 18.44
C ARG B 194 -41.11 0.89 18.60
N LEU B 195 -40.85 1.62 17.50
CA LEU B 195 -40.53 3.03 17.60
C LEU B 195 -41.82 3.84 17.56
N GLY B 196 -42.87 3.23 17.00
CA GLY B 196 -44.13 3.90 16.82
C GLY B 196 -44.03 4.81 15.62
N LEU B 197 -43.62 4.24 14.48
CA LEU B 197 -43.48 4.97 13.24
C LEU B 197 -44.43 4.38 12.19
N GLN B 198 -44.99 5.23 11.35
CA GLN B 198 -45.62 4.78 10.12
C GLN B 198 -44.62 4.87 8.97
N ALA B 199 -44.97 4.25 7.85
CA ALA B 199 -44.23 4.38 6.61
C ALA B 199 -44.27 5.83 6.14
N LYS B 200 -43.13 6.35 5.66
CA LYS B 200 -43.08 7.68 5.09
C LYS B 200 -43.31 8.74 6.18
N GLY B 201 -43.25 8.36 7.45
CA GLY B 201 -43.52 9.28 8.53
C GLY B 201 -42.24 9.66 9.25
N TYR B 202 -41.08 9.38 8.66
CA TYR B 202 -39.84 9.78 9.31
C TYR B 202 -38.72 9.95 8.25
N VAL B 203 -37.62 10.47 8.75
CA VAL B 203 -36.38 10.55 8.02
C VAL B 203 -35.39 9.66 8.76
N LEU B 204 -34.57 8.89 8.01
CA LEU B 204 -33.54 8.06 8.62
C LEU B 204 -32.17 8.71 8.47
N ALA B 205 -31.37 8.70 9.55
CA ALA B 205 -30.04 9.27 9.50
C ALA B 205 -28.97 8.32 10.03
N THR B 206 -27.84 8.30 9.33
CA THR B 206 -26.62 7.73 9.88
C THR B 206 -25.47 8.66 9.52
N ILE B 207 -24.56 8.80 10.48
CA ILE B 207 -23.35 9.61 10.33
C ILE B 207 -22.20 8.90 11.02
N HIS B 208 -21.04 8.74 10.33
CA HIS B 208 -19.92 8.13 11.02
C HIS B 208 -18.58 8.40 10.35
N ARG B 209 -18.54 9.19 9.26
CA ARG B 209 -17.26 9.47 8.64
C ARG B 209 -16.34 10.11 9.68
N ALA B 210 -15.05 9.79 9.64
CA ALA B 210 -14.06 10.45 10.48
C ALA B 210 -14.06 11.96 10.25
N GLU B 211 -14.21 12.40 8.99
CA GLU B 211 -14.13 13.83 8.64
C GLU B 211 -15.33 14.59 9.22
N ASN B 212 -16.38 13.87 9.63
CA ASN B 212 -17.59 14.49 10.10
C ASN B 212 -17.67 14.39 11.61
N THR B 213 -17.03 13.40 12.21
CA THR B 213 -17.20 13.17 13.64
C THR B 213 -15.95 13.63 14.41
N ASP B 214 -14.79 13.72 13.74
CA ASP B 214 -13.56 14.07 14.44
C ASP B 214 -13.41 15.58 14.60
N ASP B 215 -14.31 16.33 13.94
CA ASP B 215 -14.29 17.78 13.93
C ASP B 215 -15.53 18.27 14.66
N GLN B 216 -15.31 18.99 15.76
CA GLN B 216 -16.37 19.32 16.71
C GLN B 216 -17.48 20.13 16.04
N GLU B 217 -17.10 21.04 15.15
CA GLU B 217 -18.05 22.04 14.69
C GLU B 217 -18.77 21.46 13.48
N ARG B 218 -18.13 20.56 12.72
CA ARG B 218 -18.85 19.87 11.66
C ARG B 218 -19.92 18.98 12.28
N LEU B 219 -19.58 18.34 13.40
CA LEU B 219 -20.48 17.38 14.02
C LEU B 219 -21.63 18.17 14.62
N ARG B 220 -21.30 19.32 15.26
CA ARG B 220 -22.33 20.20 15.78
C ARG B 220 -23.27 20.59 14.64
N VAL B 221 -22.71 20.95 13.47
CA VAL B 221 -23.56 21.39 12.37
C VAL B 221 -24.58 20.31 12.04
N ILE B 222 -24.12 19.04 12.11
CA ILE B 222 -24.93 17.92 11.67
C ILE B 222 -26.00 17.65 12.70
N LEU B 223 -25.57 17.52 13.95
CA LEU B 223 -26.49 17.18 15.03
C LEU B 223 -27.55 18.26 15.13
N GLU B 224 -27.15 19.53 14.96
CA GLU B 224 -28.04 20.69 15.06
C GLU B 224 -29.05 20.66 13.90
N ALA B 225 -28.55 20.34 12.69
CA ALA B 225 -29.37 20.30 11.49
C ALA B 225 -30.44 19.24 11.61
N LEU B 226 -30.08 18.04 12.11
CA LEU B 226 -31.01 16.93 12.35
C LEU B 226 -32.06 17.28 13.43
N ALA B 227 -31.64 17.93 14.52
CA ALA B 227 -32.58 18.43 15.53
C ALA B 227 -33.63 19.35 14.92
N GLU B 228 -33.20 20.26 14.02
CA GLU B 228 -34.13 21.14 13.30
C GLU B 228 -35.07 20.32 12.43
N VAL B 229 -34.52 19.44 11.58
CA VAL B 229 -35.34 18.61 10.71
C VAL B 229 -36.42 17.92 11.55
N HIS B 230 -36.01 17.42 12.72
CA HIS B 230 -36.85 16.62 13.60
C HIS B 230 -38.13 17.34 14.01
N GLN B 231 -38.05 18.68 14.14
CA GLN B 231 -39.20 19.50 14.44
C GLN B 231 -40.28 19.39 13.35
N GLU B 232 -39.92 19.07 12.09
CA GLU B 232 -40.93 19.04 11.03
C GLU B 232 -41.29 17.61 10.60
N VAL B 233 -40.34 16.68 10.74
CA VAL B 233 -40.57 15.28 10.39
C VAL B 233 -39.58 14.50 11.24
N PRO B 234 -40.05 13.51 12.04
CA PRO B 234 -39.20 12.81 13.00
C PRO B 234 -37.96 12.23 12.35
N VAL B 235 -36.85 12.26 13.09
CA VAL B 235 -35.58 11.77 12.60
C VAL B 235 -35.19 10.56 13.46
N VAL B 236 -35.01 9.43 12.76
CA VAL B 236 -34.52 8.22 13.38
C VAL B 236 -33.04 8.09 13.08
N PHE B 237 -32.26 7.82 14.11
CA PHE B 237 -30.83 7.98 13.98
C PHE B 237 -30.15 6.87 14.78
N PRO B 238 -29.92 5.70 14.16
CA PRO B 238 -29.03 4.70 14.75
C PRO B 238 -27.61 5.24 14.76
N VAL B 239 -27.04 5.36 15.95
CA VAL B 239 -25.82 6.11 16.15
C VAL B 239 -24.66 5.13 16.25
N HIS B 240 -23.68 5.34 15.37
CA HIS B 240 -22.42 4.62 15.39
C HIS B 240 -21.68 4.86 16.70
N PRO B 241 -21.07 3.82 17.31
CA PRO B 241 -20.34 4.02 18.57
C PRO B 241 -19.23 5.08 18.46
N ARG B 242 -18.59 5.19 17.30
CA ARG B 242 -17.59 6.26 17.14
C ARG B 242 -18.30 7.61 17.27
N THR B 243 -19.51 7.71 16.71
CA THR B 243 -20.23 8.97 16.63
C THR B 243 -20.70 9.39 18.02
N ARG B 244 -21.24 8.42 18.77
CA ARG B 244 -21.68 8.67 20.13
C ARG B 244 -20.49 9.12 20.97
N LYS B 245 -19.42 8.34 20.97
CA LYS B 245 -18.21 8.66 21.70
C LYS B 245 -17.74 10.08 21.40
N ARG B 246 -17.63 10.44 20.11
CA ARG B 246 -17.24 11.80 19.72
C ARG B 246 -18.25 12.82 20.23
N ALA B 247 -19.55 12.56 20.05
CA ALA B 247 -20.58 13.48 20.48
C ALA B 247 -20.44 13.76 21.98
N GLU B 248 -20.22 12.71 22.79
CA GLU B 248 -20.03 12.84 24.23
C GLU B 248 -18.81 13.71 24.56
N ALA B 249 -17.62 13.34 24.05
CA ALA B 249 -16.37 14.00 24.41
C ALA B 249 -16.40 15.48 24.06
N PHE B 250 -17.23 15.85 23.08
CA PHE B 250 -17.30 17.21 22.58
C PHE B 250 -18.40 17.96 23.34
N GLY B 251 -19.12 17.23 24.19
CA GLY B 251 -20.21 17.81 24.94
C GLY B 251 -21.47 18.05 24.10
N LEU B 252 -21.69 17.21 23.08
CA LEU B 252 -22.77 17.43 22.13
C LEU B 252 -23.89 16.43 22.33
N GLY B 253 -23.82 15.64 23.40
CA GLY B 253 -24.74 14.54 23.62
C GLY B 253 -26.19 15.01 23.69
N SER B 254 -26.43 16.24 24.16
CA SER B 254 -27.81 16.66 24.37
C SER B 254 -28.57 16.74 23.04
N TYR B 255 -27.84 16.91 21.93
CA TYR B 255 -28.47 16.99 20.63
C TYR B 255 -29.13 15.67 20.24
N LEU B 256 -28.54 14.55 20.69
CA LEU B 256 -29.09 13.24 20.38
C LEU B 256 -30.45 13.01 21.06
N GLU B 257 -30.78 13.78 22.10
CA GLU B 257 -32.09 13.70 22.75
C GLU B 257 -33.16 14.42 21.93
N LYS B 258 -32.76 15.22 20.95
CA LYS B 258 -33.71 16.01 20.21
C LYS B 258 -34.15 15.29 18.93
N VAL B 259 -33.64 14.06 18.73
CA VAL B 259 -34.11 13.15 17.67
C VAL B 259 -34.36 11.80 18.32
N VAL B 260 -34.77 10.83 17.52
CA VAL B 260 -34.94 9.45 17.96
C VAL B 260 -33.63 8.69 17.75
N ALA B 261 -32.68 8.95 18.65
CA ALA B 261 -31.36 8.34 18.65
C ALA B 261 -31.48 6.90 19.14
N LEU B 262 -30.80 5.96 18.46
CA LEU B 262 -30.79 4.54 18.78
C LEU B 262 -29.34 4.10 18.83
N GLU B 263 -29.12 2.95 19.48
CA GLU B 263 -27.92 2.19 19.23
C GLU B 263 -27.97 1.60 17.82
N PRO B 264 -26.82 1.18 17.24
CA PRO B 264 -26.83 0.56 15.92
C PRO B 264 -27.84 -0.56 15.81
N VAL B 265 -28.57 -0.62 14.69
CA VAL B 265 -29.52 -1.69 14.45
C VAL B 265 -28.94 -2.75 13.51
N GLY B 266 -29.57 -3.95 13.55
CA GLY B 266 -29.17 -5.06 12.68
C GLY B 266 -29.63 -4.81 11.26
N TYR B 267 -29.11 -5.62 10.32
CA TYR B 267 -29.39 -5.43 8.91
C TYR B 267 -30.91 -5.50 8.66
N LEU B 268 -31.58 -6.42 9.33
CA LEU B 268 -33.00 -6.65 9.07
C LEU B 268 -33.80 -5.40 9.48
N ASP B 269 -33.48 -4.86 10.65
CA ASP B 269 -34.13 -3.65 11.09
C ASP B 269 -33.78 -2.50 10.14
N MET B 270 -32.50 -2.45 9.69
CA MET B 270 -32.03 -1.37 8.82
C MET B 270 -32.81 -1.35 7.50
N VAL B 271 -33.08 -2.52 6.92
CA VAL B 271 -33.82 -2.61 5.67
C VAL B 271 -35.19 -1.95 5.85
N MET B 272 -35.85 -2.32 6.94
CA MET B 272 -37.20 -1.86 7.24
CA MET B 272 -37.20 -1.85 7.14
C MET B 272 -37.19 -0.35 7.42
N LEU B 273 -36.24 0.16 8.21
CA LEU B 273 -36.14 1.63 8.38
C LEU B 273 -35.88 2.34 7.04
N GLU B 274 -34.89 1.85 6.27
CA GLU B 274 -34.56 2.44 4.98
C GLU B 274 -35.79 2.44 4.07
N LYS B 275 -36.37 1.25 3.97
CA LYS B 275 -37.44 0.96 3.01
C LYS B 275 -38.61 1.93 3.22
N ASN B 276 -38.93 2.24 4.48
CA ASN B 276 -40.15 2.96 4.81
C ASN B 276 -39.86 4.44 5.13
N ALA B 277 -38.65 4.91 4.81
CA ALA B 277 -38.30 6.26 5.18
C ALA B 277 -38.79 7.20 4.09
N ARG B 278 -39.12 8.42 4.51
CA ARG B 278 -39.46 9.44 3.55
C ARG B 278 -38.20 9.99 2.87
N LEU B 279 -37.06 9.97 3.58
CA LEU B 279 -35.79 10.42 3.06
C LEU B 279 -34.68 9.88 3.92
N ILE B 280 -33.56 9.54 3.29
CA ILE B 280 -32.38 9.11 4.02
C ILE B 280 -31.28 10.18 3.96
N VAL B 281 -30.70 10.52 5.11
CA VAL B 281 -29.54 11.39 5.14
C VAL B 281 -28.37 10.65 5.80
N THR B 282 -27.21 10.63 5.12
CA THR B 282 -26.16 9.72 5.54
C THR B 282 -24.81 10.23 5.07
N ASP B 283 -23.74 9.81 5.75
CA ASP B 283 -22.42 9.93 5.16
C ASP B 283 -21.82 8.55 4.90
N SER B 284 -22.69 7.53 4.94
CA SER B 284 -22.34 6.13 4.69
C SER B 284 -22.25 5.88 3.18
N GLY B 285 -21.28 5.04 2.76
CA GLY B 285 -21.30 4.51 1.40
C GLY B 285 -22.50 3.62 1.05
N GLY B 286 -22.62 2.49 1.77
CA GLY B 286 -23.65 1.50 1.55
C GLY B 286 -25.06 2.05 1.67
N VAL B 287 -25.30 2.94 2.65
CA VAL B 287 -26.64 3.47 2.85
C VAL B 287 -27.09 4.30 1.65
N GLN B 288 -26.16 4.98 0.95
CA GLN B 288 -26.51 5.77 -0.23
C GLN B 288 -27.13 4.90 -1.32
N LYS B 289 -26.46 3.78 -1.62
CA LYS B 289 -26.97 2.82 -2.60
C LYS B 289 -28.28 2.18 -2.17
N GLU B 290 -28.44 1.95 -0.85
CA GLU B 290 -29.62 1.25 -0.32
C GLU B 290 -30.82 2.18 -0.39
N ALA B 291 -30.61 3.47 -0.10
CA ALA B 291 -31.64 4.47 -0.37
C ALA B 291 -32.15 4.36 -1.81
N TYR B 292 -31.28 4.23 -2.80
CA TYR B 292 -31.69 4.08 -4.21
C TYR B 292 -32.36 2.71 -4.43
N PHE B 293 -31.95 1.66 -3.72
CA PHE B 293 -32.60 0.37 -3.94
C PHE B 293 -34.10 0.50 -3.68
N TYR B 294 -34.51 1.33 -2.70
CA TYR B 294 -35.89 1.39 -2.25
C TYR B 294 -36.56 2.63 -2.79
N ARG B 295 -35.87 3.31 -3.72
CA ARG B 295 -36.39 4.50 -4.39
C ARG B 295 -36.76 5.58 -3.35
N VAL B 296 -35.89 5.76 -2.34
CA VAL B 296 -36.08 6.80 -1.33
C VAL B 296 -35.03 7.89 -1.57
N PRO B 297 -35.41 9.17 -1.70
CA PRO B 297 -34.41 10.22 -1.95
C PRO B 297 -33.35 10.21 -0.87
N CYS B 298 -32.14 10.65 -1.23
CA CYS B 298 -31.02 10.60 -0.32
C CYS B 298 -30.31 11.95 -0.31
N VAL B 299 -29.79 12.32 0.88
CA VAL B 299 -28.86 13.42 0.97
C VAL B 299 -27.61 12.90 1.64
N THR B 300 -26.46 13.13 0.99
CA THR B 300 -25.18 12.66 1.46
C THR B 300 -24.41 13.82 2.10
N VAL B 301 -24.10 13.71 3.40
CA VAL B 301 -23.54 14.84 4.14
C VAL B 301 -22.02 14.76 4.04
N ARG B 302 -21.54 15.01 2.82
CA ARG B 302 -20.13 14.93 2.51
C ARG B 302 -19.81 15.92 1.40
N GLU B 303 -18.53 16.15 1.19
CA GLU B 303 -18.07 16.99 0.10
C GLU B 303 -17.99 16.19 -1.19
N GLU B 304 -18.05 14.87 -1.11
CA GLU B 304 -18.03 14.06 -2.31
C GLU B 304 -18.57 12.65 -1.98
N THR B 305 -18.87 11.91 -3.03
CA THR B 305 -19.17 10.51 -2.91
C THR B 305 -18.47 9.73 -4.04
N GLU B 306 -18.24 8.46 -3.73
CA GLU B 306 -17.71 7.51 -4.70
C GLU B 306 -18.81 7.03 -5.61
N TRP B 307 -20.06 7.31 -5.24
CA TRP B 307 -21.23 6.69 -5.90
C TRP B 307 -21.90 7.70 -6.82
N VAL B 308 -21.12 8.18 -7.79
CA VAL B 308 -21.44 9.43 -8.49
C VAL B 308 -22.67 9.24 -9.35
N GLU B 309 -22.88 8.01 -9.82
CA GLU B 309 -24.03 7.70 -10.65
C GLU B 309 -25.32 8.08 -9.94
N LEU B 310 -25.31 8.11 -8.59
CA LEU B 310 -26.53 8.39 -7.82
C LEU B 310 -26.87 9.87 -7.90
N LEU B 311 -25.84 10.72 -7.95
CA LEU B 311 -25.98 12.16 -8.15
C LEU B 311 -26.52 12.40 -9.55
N LYS B 312 -25.97 11.71 -10.55
CA LYS B 312 -26.40 11.96 -11.92
C LYS B 312 -27.86 11.55 -12.15
N ALA B 313 -28.36 10.47 -11.51
CA ALA B 313 -29.75 10.04 -11.63
C ALA B 313 -30.66 10.78 -10.66
N GLU B 314 -30.09 11.73 -9.90
CA GLU B 314 -30.86 12.64 -9.07
C GLU B 314 -31.50 11.91 -7.89
N TRP B 315 -30.99 10.72 -7.51
CA TRP B 315 -31.49 9.96 -6.35
C TRP B 315 -30.79 10.42 -5.07
N ASN B 316 -29.62 11.05 -5.23
CA ASN B 316 -28.75 11.53 -4.17
C ASN B 316 -28.33 12.99 -4.48
N TYR B 317 -27.91 13.69 -3.42
CA TYR B 317 -27.54 15.11 -3.43
C TYR B 317 -26.50 15.36 -2.32
N LEU B 318 -25.36 15.98 -2.66
CA LEU B 318 -24.39 16.24 -1.61
C LEU B 318 -24.78 17.51 -0.87
N ALA B 319 -24.47 17.53 0.43
CA ALA B 319 -24.73 18.67 1.28
C ALA B 319 -23.66 18.66 2.35
N ALA B 320 -22.51 19.26 2.03
CA ALA B 320 -21.44 19.29 3.01
C ALA B 320 -21.92 20.08 4.22
N PRO B 321 -21.53 19.71 5.46
CA PRO B 321 -22.03 20.34 6.67
C PRO B 321 -21.31 21.64 7.02
N GLN B 322 -21.66 22.72 6.34
CA GLN B 322 -20.99 23.98 6.60
C GLN B 322 -21.84 24.85 7.52
N ASN B 323 -23.15 24.62 7.51
CA ASN B 323 -24.12 25.47 8.17
C ASN B 323 -25.36 24.64 8.52
N ALA B 324 -25.79 24.70 9.77
CA ALA B 324 -26.90 23.87 10.23
C ALA B 324 -28.22 24.27 9.57
N LYS B 325 -28.48 25.58 9.45
CA LYS B 325 -29.74 26.02 8.85
C LYS B 325 -29.83 25.51 7.42
N ASP B 326 -28.76 25.75 6.63
CA ASP B 326 -28.74 25.32 5.24
C ASP B 326 -28.89 23.80 5.14
N LEU B 327 -28.21 23.06 6.01
CA LEU B 327 -28.21 21.61 5.85
C LEU B 327 -29.62 21.12 6.14
N ALA B 328 -30.26 21.69 7.17
CA ALA B 328 -31.65 21.33 7.46
C ALA B 328 -32.54 21.60 6.25
N LEU B 329 -32.37 22.78 5.64
CA LEU B 329 -33.27 23.20 4.56
C LEU B 329 -33.08 22.28 3.36
N THR B 330 -31.81 21.97 3.03
CA THR B 330 -31.49 21.03 1.97
C THR B 330 -32.23 19.71 2.18
N ILE B 331 -32.17 19.19 3.41
CA ILE B 331 -32.72 17.89 3.78
C ILE B 331 -34.23 17.93 3.52
N LEU B 332 -34.89 18.93 4.10
CA LEU B 332 -36.34 19.11 3.96
C LEU B 332 -36.73 19.31 2.50
N HIS B 333 -35.97 20.10 1.73
CA HIS B 333 -36.28 20.33 0.33
C HIS B 333 -36.24 19.01 -0.47
N ARG B 334 -35.24 18.16 -0.19
CA ARG B 334 -34.96 16.98 -1.01
C ARG B 334 -35.91 15.83 -0.67
N MET B 335 -36.58 15.93 0.48
CA MET B 335 -37.65 15.02 0.87
C MET B 335 -38.73 14.93 -0.22
N ARG B 336 -38.86 15.99 -1.03
CA ARG B 336 -39.93 16.06 -2.01
C ARG B 336 -39.48 15.57 -3.38
N THR B 337 -38.28 14.99 -3.51
CA THR B 337 -37.71 14.74 -4.82
C THR B 337 -37.66 13.25 -5.10
N LYS B 338 -37.45 12.93 -6.37
CA LYS B 338 -37.25 11.58 -6.84
C LYS B 338 -36.18 11.64 -7.92
N GLY B 339 -35.36 10.59 -8.02
CA GLY B 339 -34.48 10.41 -9.16
C GLY B 339 -35.20 9.81 -10.37
N VAL B 340 -34.41 9.57 -11.42
CA VAL B 340 -34.84 8.97 -12.66
C VAL B 340 -34.82 7.45 -12.52
N GLU B 341 -35.78 6.79 -13.18
CA GLU B 341 -35.79 5.34 -13.25
C GLU B 341 -34.62 4.87 -14.09
N ILE B 342 -33.84 3.95 -13.49
CA ILE B 342 -32.57 3.49 -13.99
C ILE B 342 -32.16 2.29 -13.13
N ASP B 343 -31.59 1.27 -13.79
CA ASP B 343 -31.03 0.10 -13.12
C ASP B 343 -29.53 0.31 -12.95
N LEU B 344 -29.07 0.18 -11.71
CA LEU B 344 -27.66 0.26 -11.35
C LEU B 344 -27.35 -0.96 -10.52
N TYR B 345 -26.06 -1.28 -10.43
CA TYR B 345 -25.50 -2.22 -9.48
C TYR B 345 -25.74 -3.67 -9.87
N GLY B 346 -26.36 -3.87 -11.04
CA GLY B 346 -26.49 -5.17 -11.65
C GLY B 346 -27.81 -5.84 -11.32
N ASP B 347 -27.75 -7.18 -11.34
CA ASP B 347 -28.90 -8.05 -11.44
C ASP B 347 -29.10 -8.81 -10.13
N GLY B 348 -28.26 -8.52 -9.13
CA GLY B 348 -28.41 -9.17 -7.84
C GLY B 348 -27.69 -10.51 -7.81
N ARG B 349 -26.82 -10.77 -8.80
CA ARG B 349 -26.05 -12.00 -8.85
C ARG B 349 -24.57 -11.69 -9.02
N ALA B 350 -24.15 -10.56 -8.45
CA ALA B 350 -22.76 -10.17 -8.43
C ALA B 350 -21.93 -11.25 -7.76
N SER B 351 -22.47 -11.85 -6.69
CA SER B 351 -21.70 -12.89 -6.00
C SER B 351 -21.41 -14.09 -6.90
N GLN B 352 -22.39 -14.46 -7.72
CA GLN B 352 -22.26 -15.63 -8.58
C GLN B 352 -21.16 -15.36 -9.61
N LYS B 353 -21.12 -14.12 -10.14
CA LYS B 353 -20.10 -13.72 -11.11
C LYS B 353 -18.73 -13.79 -10.44
N ILE B 354 -18.64 -13.26 -9.23
CA ILE B 354 -17.40 -13.34 -8.48
C ILE B 354 -17.01 -14.79 -8.30
N SER B 355 -17.93 -15.63 -7.81
CA SER B 355 -17.57 -17.01 -7.57
C SER B 355 -16.98 -17.63 -8.83
N ASP B 356 -17.64 -17.36 -9.95
CA ASP B 356 -17.28 -17.96 -11.21
C ASP B 356 -15.86 -17.56 -11.63
N PHE B 357 -15.47 -16.31 -11.36
CA PHE B 357 -14.15 -15.81 -11.77
C PHE B 357 -13.07 -16.44 -10.89
N LEU B 358 -13.33 -16.54 -9.59
CA LEU B 358 -12.37 -17.13 -8.69
C LEU B 358 -12.10 -18.60 -9.07
N ARG B 359 -13.11 -19.30 -9.58
CA ARG B 359 -12.96 -20.71 -9.90
C ARG B 359 -12.23 -20.87 -11.24
N LYS B 360 -12.53 -20.01 -12.22
CA LYS B 360 -12.08 -20.30 -13.57
C LYS B 360 -10.86 -19.48 -13.94
N VAL B 361 -10.29 -18.76 -12.99
CA VAL B 361 -9.22 -17.82 -13.32
C VAL B 361 -7.96 -18.60 -13.75
N GLY B 362 -7.64 -19.73 -13.10
CA GLY B 362 -6.54 -20.60 -13.54
C GLY B 362 -5.21 -20.34 -12.83
N ILE B 363 -4.41 -21.41 -12.69
CA ILE B 363 -3.00 -21.34 -12.30
C ILE B 363 -2.14 -21.62 -13.55
N1 MJL C . 27.24 -1.63 -1.45
N3 MJL C . 28.90 -2.53 -0.01
C4 MJL C . 28.66 -3.74 -0.47
C5 MJL C . 27.72 -3.91 -1.38
C6 MJL C . 27.00 -2.91 -1.85
C2 MJL C . 28.24 -1.44 -0.46
O2 MJL C . 28.53 -0.32 0.00
O4 MJL C . 29.35 -4.65 0.04
PA MJL C . 22.12 -3.04 -2.53
PB MJL C . 19.93 -2.48 -4.20
O'P MJL C . 16.98 2.00 -1.32
O'Q MJL C . 15.33 0.49 -1.05
C1' MJL C . 17.39 -2.15 -3.40
O1A MJL C . 23.03 -3.77 -3.50
O1B MJL C . 19.58 -3.66 -4.99
C1C MJL C . 26.50 -0.46 -1.88
C2' MJL C . 16.45 -2.03 -4.55
N2' MJL C . 16.70 -3.04 -5.59
O2A MJL C . 22.27 -3.66 -1.15
O2B MJL C . 20.89 -1.53 -4.80
C2C MJL C . 26.64 -0.13 -3.35
O2C MJL C . 27.80 0.64 -3.69
C3' MJL C . 16.57 -0.62 -5.14
N3' MJL C . 15.67 -0.42 -6.25
O3A MJL C . 20.58 -3.06 -2.85
O3B MJL C . 18.68 -1.58 -3.77
C3C MJL C . 25.33 0.62 -3.59
O3C MJL C . 25.39 2.02 -3.36
C4' MJL C . 16.23 0.34 -4.04
O4' MJL C . 16.49 1.66 -4.53
C4C MJL C . 24.35 0.03 -2.58
O4C MJL C . 25.12 -0.70 -1.60
C5' MJL C . 16.96 0.06 -2.74
O5' MJL C . 16.83 -1.35 -2.37
C5C MJL C . 23.41 -0.89 -3.33
O5C MJL C . 22.42 -1.49 -2.46
C6' MJL C . 16.39 0.90 -1.61
C7' MJL C . 15.69 -3.61 -6.28
O7' MJL C . 14.51 -3.33 -6.10
C8' MJL C . 16.05 -4.61 -7.37
O43 MJL C . 17.17 -0.35 -7.99
C41 MJL C . 16.02 -0.33 -7.57
C42 MJL C . 14.90 -0.20 -8.60
N1 UDP D . 20.49 -9.54 7.08
C2 UDP D . 21.46 -9.74 8.05
N3 UDP D . 21.93 -8.62 8.67
C4 UDP D . 21.52 -7.32 8.45
C5 UDP D . 20.48 -7.20 7.46
C6 UDP D . 20.00 -8.28 6.83
O2 UDP D . 21.88 -10.86 8.26
O4 UDP D . 22.04 -6.39 9.05
C1' UDP D . 19.98 -10.75 6.43
C2' UDP D . 18.92 -11.44 7.29
O2' UDP D . 19.17 -12.83 7.14
C3' UDP D . 17.63 -10.90 6.65
C4' UDP D . 18.01 -10.91 5.16
O4' UDP D . 19.40 -10.45 5.18
O3' UDP D . 16.52 -11.74 6.92
C5' UDP D . 17.22 -10.02 4.25
O5' UDP D . 17.22 -8.68 4.80
PA UDP D . 16.50 -7.42 4.13
O1A UDP D . 17.36 -6.87 3.03
O2A UDP D . 16.05 -6.54 5.22
O3A UDP D . 15.21 -7.99 3.37
PB UDP D . 14.53 -7.47 1.99
O1B UDP D . 15.49 -7.97 0.89
O2B UDP D . 14.39 -5.96 1.96
O3B UDP D . 13.17 -8.13 2.03
CL CL E . 25.23 -7.46 -1.96
N1 MJL F . -26.29 -0.64 8.71
N3 MJL F . -27.42 -0.87 10.77
C4 MJL F . -27.09 0.40 11.09
C5 MJL F . -26.42 1.13 10.22
C6 MJL F . -26.02 0.63 9.06
C2 MJL F . -27.05 -1.44 9.59
O2 MJL F . -27.31 -2.67 9.32
O4 MJL F . -27.50 0.86 12.21
PA MJL F . -21.51 1.57 7.09
PB MJL F . -19.99 2.29 4.77
O'P MJL F . -16.66 -2.82 3.24
O'Q MJL F . -15.03 -1.57 3.88
C1' MJL F . -17.45 1.70 4.38
O1A MJL F . -22.53 2.67 7.02
O1B MJL F . -19.58 3.73 4.78
C1C MJL F . -25.81 -1.26 7.45
C2' MJL F . -16.94 2.39 3.13
N2' MJL F . -17.38 3.82 3.00
O2A MJL F . -21.09 1.33 8.50
O2B MJL F . -21.17 1.82 3.93
C2C MJL F . -26.39 -0.72 6.19
O2C MJL F . -27.67 -1.27 5.91
C3' MJL F . -17.35 1.51 1.91
N3' MJL F . -16.96 2.11 0.63
O3A MJL F . -20.10 1.88 6.35
O3B MJL F . -18.83 1.40 4.25
C3C MJL F . -25.36 -0.98 5.13
O3C MJL F . -25.56 -2.23 4.41
C4' MJL F . -16.75 0.12 2.04
O4' MJL F . -17.29 -0.71 0.97
C4C MJL F . -24.07 -0.96 5.93
O4C MJL F . -24.40 -1.05 7.37
C5' MJL F . -17.06 -0.46 3.40
O5' MJL F . -16.78 0.46 4.50
C5C MJL F . -23.29 0.30 5.65
O5C MJL F . -22.07 0.24 6.39
C6' MJL F . -16.19 -1.70 3.54
C7' MJL F . -16.61 4.79 2.48
O7' MJL F . -15.44 4.60 2.09
C8' MJL F . -17.22 6.18 2.40
O43 MJL F . -19.06 2.92 -0.07
C41 MJL F . -17.80 2.83 -0.16
C42 MJL F . -17.02 3.51 -1.27
N1 UDP G . -15.87 1.29 18.10
C2 UDP G . -16.70 0.88 19.12
N3 UDP G . -17.29 -0.34 18.91
C4 UDP G . -17.06 -1.22 17.86
C5 UDP G . -16.14 -0.73 16.88
C6 UDP G . -15.59 0.50 17.02
O2 UDP G . -16.96 1.61 20.07
O4 UDP G . -17.61 -2.31 17.84
C1' UDP G . -15.26 2.62 18.27
C2' UDP G . -13.85 2.56 18.85
O2' UDP G . -13.79 3.59 19.81
C3' UDP G . -12.98 2.71 17.58
C4' UDP G . -13.83 3.67 16.74
O4' UDP G . -15.18 3.23 16.99
O3' UDP G . -11.73 3.35 17.69
C5' UDP G . -13.55 3.64 15.27
O5' UDP G . -13.46 2.26 14.89
PA UDP G . -12.62 1.94 13.54
O1A UDP G . -12.91 0.57 13.07
O2A UDP G . -11.19 2.33 13.76
O3A UDP G . -13.34 2.96 12.53
PB UDP G . -14.87 3.05 11.98
O1B UDP G . -14.78 3.00 10.43
O2B UDP G . -15.61 1.88 12.58
O3B UDP G . -15.43 4.38 12.47
CL CL H . -23.60 4.58 11.11
#